data_7KF0
#
_entry.id   7KF0
#
_cell.length_a   76.459
_cell.length_b   99.409
_cell.length_c   191.219
_cell.angle_alpha   90.000
_cell.angle_beta   90.000
_cell.angle_gamma   90.000
#
_symmetry.space_group_name_H-M   'P 21 21 21'
#
loop_
_entity.id
_entity.type
_entity.pdbx_description
1 polymer 'anti-VEGF-A Fab bH1 heavy chain'
2 polymer 'anti-VEGF-A Fab bH1 light chain'
3 polymer 'Isoform L-VEGF206 of Vascular endothelial growth factor A'
4 non-polymer 1,2-ETHANEDIOL
5 non-polymer 'CHLORIDE ION'
6 water water
#
loop_
_entity_poly.entity_id
_entity_poly.type
_entity_poly.pdbx_seq_one_letter_code
_entity_poly.pdbx_strand_id
1 'polypeptide(L)'
;EVQLVESGGGLVQPGGSLRLSCAASGFNIKDTYIHWVRQAPGKGLEWVARIYPTNGYTRYADSVKGRFTISADTSKNTAY
LQMNSLRAEDTAVYYCARGGSFYYYYMDVWGQGTLVTVSSASTKGPSVFPLAPSSKSTSGGTAALGCLVKDYFPEPVTVS
WNSGALTSGVHTFPAVLQSSGLYSLSSVVTVPSSSLGTQTYICNVNHKPSNTKVDKKVEPKSCDKTGHHHHHHHHG
;
H,A
2 'polypeptide(L)'
;DIQMTQSPSSLSASVGDRVTITCRASQDIPRSISGYVAWYQQKPGKAPKLLIYWGSYLYSGVPSRFSGSGSGTDFTLTIS
SLQPEDFATYYCQQHYTTPPTFGQGTKVEIKRTVAAPSVFIFPPSDEQLKSGTASVVCLLNNFYPREAKVQWKVDNALQS
GNSQESVTEQDSKDSTYSLSSTLTLSKADYEKHKVYACEVTHQGLSSPVTKSFNRGEC
;
L,B
3 'polypeptide(L)'
;APMAEGGGQNHHEVVKFMDVYQRSYCHPIETLVDIFQEYPDEIEYIFKPSCVPLMRCGGCCNDEGLECVPTEESNITMQI
MRIKPHQGQHIGEMSFLQHNKCECRPKKDRHHHHHH
;
V,C
#
# COMPACT_ATOMS: atom_id res chain seq x y z
N VAL A 2 26.45 20.67 -22.68
CA VAL A 2 27.25 20.90 -21.43
C VAL A 2 28.77 20.92 -21.74
N GLN A 3 29.48 21.95 -21.30
CA GLN A 3 30.89 22.13 -21.66
C GLN A 3 31.68 22.96 -20.62
N LEU A 4 32.98 22.77 -20.58
CA LEU A 4 33.89 23.53 -19.75
C LEU A 4 35.04 23.89 -20.64
N VAL A 5 35.52 25.13 -20.55
CA VAL A 5 36.61 25.63 -21.39
C VAL A 5 37.55 26.39 -20.47
N GLU A 6 38.73 25.82 -20.25
CA GLU A 6 39.78 26.46 -19.49
C GLU A 6 40.54 27.43 -20.35
N SER A 7 41.08 28.47 -19.73
CA SER A 7 42.07 29.34 -20.32
C SER A 7 43.02 29.88 -19.23
N GLY A 8 44.15 30.46 -19.65
CA GLY A 8 45.08 31.16 -18.80
C GLY A 8 46.44 30.53 -18.63
N GLY A 9 46.61 29.34 -19.15
CA GLY A 9 47.90 28.67 -19.00
C GLY A 9 49.01 29.35 -19.75
N GLY A 10 50.23 29.14 -19.33
CA GLY A 10 51.32 29.65 -20.08
C GLY A 10 52.59 29.41 -19.32
N LEU A 11 53.60 30.11 -19.74
CA LEU A 11 54.90 30.06 -19.11
C LEU A 11 54.91 31.04 -17.94
N VAL A 12 55.53 30.62 -16.84
CA VAL A 12 55.67 31.44 -15.67
C VAL A 12 56.94 31.03 -14.94
N GLN A 13 57.58 31.98 -14.29
CA GLN A 13 58.88 31.75 -13.66
C GLN A 13 58.68 31.15 -12.31
N PRO A 14 59.68 30.42 -11.81
CA PRO A 14 59.57 29.90 -10.44
C PRO A 14 59.35 31.05 -9.47
N GLY A 15 58.52 30.84 -8.47
CA GLY A 15 58.10 31.87 -7.53
C GLY A 15 56.92 32.69 -8.01
N GLY A 16 56.59 32.61 -9.30
CA GLY A 16 55.53 33.43 -9.86
C GLY A 16 54.13 32.89 -9.64
N SER A 17 53.22 33.60 -10.29
CA SER A 17 51.80 33.53 -10.08
C SER A 17 51.12 33.45 -11.42
N LEU A 18 49.96 32.81 -11.43
CA LEU A 18 49.18 32.66 -12.64
C LEU A 18 47.78 32.30 -12.23
N ARG A 19 46.80 32.78 -12.97
CA ARG A 19 45.44 32.44 -12.71
C ARG A 19 44.75 31.76 -13.92
N LEU A 20 44.02 30.70 -13.63
CA LEU A 20 43.35 29.92 -14.67
C LEU A 20 41.86 30.17 -14.57
N SER A 21 41.15 30.01 -15.69
CA SER A 21 39.71 30.23 -15.74
C SER A 21 39.04 29.04 -16.36
N CYS A 22 37.81 28.81 -15.97
CA CYS A 22 37.02 27.74 -16.48
C CYS A 22 35.60 28.20 -16.67
N ALA A 23 35.21 28.34 -17.93
CA ALA A 23 33.89 28.85 -18.27
C ALA A 23 32.98 27.67 -18.58
N ALA A 24 31.85 27.64 -17.91
CA ALA A 24 30.83 26.63 -18.08
C ALA A 24 29.72 27.09 -19.02
N SER A 25 29.15 26.18 -19.80
CA SER A 25 27.93 26.46 -20.55
C SER A 25 27.08 25.21 -20.50
N GLY A 26 25.77 25.43 -20.60
CA GLY A 26 24.78 24.40 -20.58
C GLY A 26 24.38 23.86 -19.21
N PHE A 27 24.94 24.41 -18.15
CA PHE A 27 24.46 24.12 -16.82
C PHE A 27 24.92 25.31 -15.98
N ASN A 28 24.40 25.42 -14.75
CA ASN A 28 24.84 26.48 -13.83
C ASN A 28 25.76 25.88 -12.78
N ILE A 29 26.95 26.46 -12.62
CA ILE A 29 27.93 25.88 -11.68
C ILE A 29 27.45 25.96 -10.24
N LYS A 30 26.46 26.83 -10.03
CA LYS A 30 25.71 26.95 -8.80
C LYS A 30 25.23 25.58 -8.24
N ASP A 31 24.80 24.69 -9.14
CA ASP A 31 24.14 23.42 -8.78
C ASP A 31 25.07 22.25 -8.47
N THR A 32 26.38 22.47 -8.47
CA THR A 32 27.32 21.34 -8.46
C THR A 32 28.69 21.68 -7.87
N TYR A 33 29.60 20.73 -7.86
CA TYR A 33 30.99 20.99 -7.51
C TYR A 33 31.78 21.23 -8.76
N ILE A 34 32.82 22.03 -8.64
CA ILE A 34 33.79 22.20 -9.69
C ILE A 34 35.14 21.86 -9.12
N HIS A 35 35.89 21.08 -9.88
CA HIS A 35 37.21 20.59 -9.47
C HIS A 35 38.29 21.05 -10.42
N TRP A 36 39.50 21.26 -9.93
CA TRP A 36 40.69 21.26 -10.78
C TRP A 36 41.49 19.96 -10.54
N VAL A 37 42.01 19.40 -11.63
CA VAL A 37 42.79 18.20 -11.61
C VAL A 37 43.93 18.46 -12.55
N ARG A 38 45.12 18.00 -12.21
CA ARG A 38 46.24 18.22 -13.08
C ARG A 38 46.96 16.94 -13.43
N GLN A 39 47.81 17.07 -14.40
CA GLN A 39 48.54 15.98 -14.94
C GLN A 39 49.91 16.46 -15.42
N ALA A 40 50.95 16.13 -14.64
CA ALA A 40 52.32 16.41 -15.07
C ALA A 40 52.65 15.61 -16.34
N PRO A 41 53.56 16.12 -17.19
CA PRO A 41 53.83 15.44 -18.47
C PRO A 41 54.28 13.99 -18.23
N GLY A 42 53.65 13.04 -18.95
CA GLY A 42 53.84 11.60 -18.76
C GLY A 42 53.40 10.95 -17.43
N LYS A 43 52.66 11.65 -16.60
CA LYS A 43 52.24 11.07 -15.32
C LYS A 43 50.72 10.92 -15.29
N GLY A 44 50.19 10.55 -14.13
CA GLY A 44 48.80 10.43 -13.89
C GLY A 44 48.07 11.65 -13.38
N LEU A 45 46.85 11.41 -12.91
CA LEU A 45 45.95 12.45 -12.60
C LEU A 45 46.12 12.75 -11.13
N GLU A 46 46.13 14.03 -10.77
CA GLU A 46 46.28 14.46 -9.41
C GLU A 46 45.20 15.53 -9.19
N TRP A 47 44.27 15.23 -8.31
CA TRP A 47 43.29 16.18 -7.91
C TRP A 47 43.98 17.31 -7.20
N VAL A 48 43.57 18.54 -7.47
CA VAL A 48 44.14 19.66 -6.73
C VAL A 48 43.15 20.39 -5.86
N ALA A 49 41.93 20.59 -6.30
CA ALA A 49 41.03 21.45 -5.54
C ALA A 49 39.57 21.30 -5.93
N ARG A 50 38.71 21.73 -5.05
CA ARG A 50 37.29 21.67 -5.30
C ARG A 50 36.54 22.78 -4.63
N ILE A 51 35.47 23.24 -5.28
CA ILE A 51 34.63 24.27 -4.73
C ILE A 51 33.14 23.94 -4.82
N TYR A 52 32.39 24.39 -3.81
CA TYR A 52 30.92 24.35 -3.81
C TYR A 52 30.44 25.81 -4.01
N PRO A 53 30.19 26.22 -5.25
CA PRO A 53 30.09 27.64 -5.58
C PRO A 53 29.15 28.50 -4.74
N THR A 54 28.03 27.97 -4.33
CA THR A 54 27.02 28.75 -3.61
C THR A 54 27.52 29.45 -2.32
N ASN A 55 28.01 28.64 -1.41
CA ASN A 55 28.59 29.12 -0.15
C ASN A 55 30.10 29.32 -0.18
N GLY A 56 30.72 28.90 -1.28
CA GLY A 56 32.14 29.09 -1.48
C GLY A 56 33.03 28.16 -0.66
N TYR A 57 32.56 26.98 -0.30
CA TYR A 57 33.38 26.00 0.43
C TYR A 57 34.46 25.35 -0.47
N THR A 58 35.68 25.23 0.06
CA THR A 58 36.84 24.83 -0.68
C THR A 58 37.62 23.75 -0.01
N ARG A 59 38.27 22.90 -0.82
CA ARG A 59 39.16 21.86 -0.34
C ARG A 59 40.33 21.71 -1.29
N TYR A 60 41.52 21.41 -0.75
CA TYR A 60 42.72 21.41 -1.55
C TYR A 60 43.53 20.19 -1.22
N ALA A 61 44.25 19.66 -2.20
CA ALA A 61 45.35 18.72 -1.94
C ALA A 61 46.44 19.38 -1.11
N ASP A 62 47.07 18.58 -0.25
CA ASP A 62 48.21 19.00 0.54
C ASP A 62 49.34 19.63 -0.27
N SER A 63 49.59 19.10 -1.45
CA SER A 63 50.67 19.60 -2.30
C SER A 63 50.49 21.06 -2.81
N VAL A 64 49.33 21.65 -2.65
CA VAL A 64 49.09 23.02 -3.10
C VAL A 64 48.46 23.92 -2.01
N LYS A 65 48.33 23.37 -0.81
CA LYS A 65 47.69 24.06 0.28
C LYS A 65 48.54 25.28 0.64
N GLY A 66 47.87 26.43 0.79
CA GLY A 66 48.55 27.68 1.09
C GLY A 66 49.20 28.40 -0.09
N ARG A 67 49.21 27.75 -1.26
CA ARG A 67 49.75 28.34 -2.47
C ARG A 67 48.67 28.59 -3.51
N PHE A 68 47.66 27.72 -3.61
CA PHE A 68 46.63 27.83 -4.65
C PHE A 68 45.31 28.19 -4.01
N THR A 69 44.47 28.88 -4.74
CA THR A 69 43.16 29.22 -4.28
C THR A 69 42.16 28.96 -5.40
N ILE A 70 41.04 28.34 -5.04
CA ILE A 70 40.00 28.05 -5.99
C ILE A 70 38.80 28.94 -5.65
N SER A 71 38.12 29.43 -6.68
CA SER A 71 36.93 30.28 -6.52
C SER A 71 35.96 30.13 -7.68
N ALA A 72 34.74 30.62 -7.48
CA ALA A 72 33.71 30.58 -8.51
C ALA A 72 32.89 31.85 -8.47
N ASP A 73 32.61 32.37 -9.65
CA ASP A 73 31.74 33.51 -9.83
C ASP A 73 30.48 32.95 -10.47
N THR A 74 29.43 32.79 -9.67
CA THR A 74 28.19 32.21 -10.20
C THR A 74 27.54 33.10 -11.26
N SER A 75 27.65 34.42 -11.17
CA SER A 75 27.00 35.28 -12.19
C SER A 75 27.66 35.14 -13.54
N LYS A 76 28.99 35.00 -13.56
CA LYS A 76 29.72 34.72 -14.81
C LYS A 76 29.77 33.24 -15.23
N ASN A 77 29.26 32.35 -14.37
CA ASN A 77 29.30 30.91 -14.58
C ASN A 77 30.73 30.41 -14.89
N THR A 78 31.69 30.94 -14.14
CA THR A 78 33.14 30.75 -14.37
C THR A 78 33.80 30.38 -13.05
N ALA A 79 34.72 29.43 -13.09
CA ALA A 79 35.52 29.06 -11.90
C ALA A 79 36.97 29.48 -12.15
N TYR A 80 37.75 29.61 -11.09
CA TYR A 80 39.14 30.08 -11.22
C TYR A 80 40.07 29.32 -10.30
N LEU A 81 41.31 29.18 -10.72
CA LEU A 81 42.37 28.67 -9.89
C LEU A 81 43.54 29.66 -9.89
N GLN A 82 43.76 30.26 -8.72
CA GLN A 82 44.80 31.24 -8.55
C GLN A 82 45.98 30.47 -8.05
N MET A 83 47.08 30.46 -8.76
CA MET A 83 48.23 29.67 -8.40
C MET A 83 49.35 30.63 -8.00
N ASN A 84 49.87 30.55 -6.78
CA ASN A 84 51.00 31.38 -6.34
C ASN A 84 52.17 30.53 -5.94
N SER A 85 53.36 31.12 -5.93
CA SER A 85 54.60 30.46 -5.48
C SER A 85 54.86 29.19 -6.25
N LEU A 86 54.80 29.31 -7.57
CA LEU A 86 54.90 28.13 -8.42
C LEU A 86 56.30 27.56 -8.44
N ARG A 87 56.38 26.24 -8.50
CA ARG A 87 57.65 25.53 -8.60
C ARG A 87 57.62 24.73 -9.89
N ALA A 88 58.78 24.26 -10.32
CA ALA A 88 58.86 23.42 -11.52
C ALA A 88 57.91 22.19 -11.51
N GLU A 89 57.67 21.63 -10.33
CA GLU A 89 56.84 20.45 -10.13
C GLU A 89 55.37 20.73 -10.38
N ASP A 90 54.97 21.99 -10.32
CA ASP A 90 53.62 22.38 -10.64
C ASP A 90 53.35 22.30 -12.16
N THR A 91 54.37 22.10 -12.96
CA THR A 91 54.23 22.04 -14.38
C THR A 91 53.33 20.87 -14.79
N ALA A 92 52.28 21.17 -15.56
CA ALA A 92 51.25 20.21 -15.82
C ALA A 92 50.17 20.80 -16.67
N VAL A 93 49.34 19.89 -17.20
CA VAL A 93 48.10 20.26 -17.84
C VAL A 93 47.08 20.31 -16.71
N TYR A 94 46.29 21.39 -16.69
CA TYR A 94 45.32 21.64 -15.64
C TYR A 94 43.99 21.56 -16.29
N TYR A 95 43.15 20.70 -15.70
CA TYR A 95 41.78 20.42 -16.10
C TYR A 95 40.80 20.93 -15.10
N CYS A 96 39.74 21.40 -15.66
CA CYS A 96 38.59 21.81 -14.91
C CYS A 96 37.57 20.67 -15.05
N ALA A 97 36.86 20.32 -13.97
CA ALA A 97 35.84 19.23 -14.08
C ALA A 97 34.67 19.46 -13.19
N ARG A 98 33.49 19.03 -13.62
CA ARG A 98 32.39 19.10 -12.68
C ARG A 98 31.95 17.80 -12.18
N GLY A 99 31.33 17.81 -11.01
CA GLY A 99 30.52 16.70 -10.52
C GLY A 99 29.12 16.44 -11.05
N GLY A 100 28.45 17.28 -11.77
CA GLY A 100 27.10 16.83 -12.24
C GLY A 100 25.96 17.12 -11.28
N SER A 101 26.25 16.99 -9.97
CA SER A 101 25.49 17.61 -8.84
C SER A 101 26.21 17.49 -7.47
N PHE A 102 25.71 18.26 -6.52
CA PHE A 102 26.16 18.20 -5.12
C PHE A 102 26.17 16.76 -4.58
N TYR A 103 25.17 15.97 -4.98
CA TYR A 103 25.08 14.57 -4.59
C TYR A 103 25.95 13.64 -5.46
N TYR A 104 26.81 14.18 -6.36
CA TYR A 104 27.74 13.36 -7.20
C TYR A 104 29.22 13.74 -7.00
N TYR A 105 30.02 12.74 -6.66
CA TYR A 105 31.40 12.92 -6.31
C TYR A 105 32.33 12.36 -7.39
N TYR A 106 31.72 11.91 -8.50
CA TYR A 106 32.44 11.56 -9.72
C TYR A 106 32.51 12.80 -10.60
N MET A 107 33.32 12.78 -11.65
CA MET A 107 33.56 13.98 -12.47
C MET A 107 33.17 13.63 -13.88
N ASP A 108 32.09 14.21 -14.36
CA ASP A 108 31.48 13.74 -15.61
C ASP A 108 31.73 14.62 -16.79
N VAL A 109 32.13 15.86 -16.55
CA VAL A 109 32.45 16.74 -17.67
C VAL A 109 33.74 17.44 -17.33
N TRP A 110 34.69 17.34 -18.26
CA TRP A 110 36.01 17.88 -18.15
C TRP A 110 36.17 18.81 -19.27
N GLY A 111 36.94 19.87 -19.05
CA GLY A 111 37.38 20.74 -20.14
C GLY A 111 38.52 20.12 -20.91
N GLN A 112 39.05 20.84 -21.86
CA GLN A 112 40.14 20.35 -22.69
C GLN A 112 41.55 20.43 -22.05
N GLY A 113 41.72 21.20 -20.99
CA GLY A 113 42.99 21.30 -20.30
C GLY A 113 43.84 22.47 -20.78
N THR A 114 44.67 23.01 -19.90
CA THR A 114 45.50 24.16 -20.25
C THR A 114 46.86 23.92 -19.61
N LEU A 115 47.91 24.09 -20.40
CA LEU A 115 49.23 23.77 -19.97
C LEU A 115 49.86 24.91 -19.19
N VAL A 116 50.48 24.57 -18.05
CA VAL A 116 51.22 25.51 -17.25
C VAL A 116 52.66 25.04 -17.20
N THR A 117 53.58 25.88 -17.66
CA THR A 117 55.03 25.54 -17.69
C THR A 117 55.73 26.49 -16.75
N VAL A 118 56.42 25.92 -15.76
CA VAL A 118 57.08 26.71 -14.76
C VAL A 118 58.56 26.54 -15.00
N SER A 119 59.16 27.53 -15.65
CA SER A 119 60.58 27.48 -16.01
C SER A 119 61.14 28.89 -16.07
N SER A 120 62.45 29.01 -15.82
CA SER A 120 63.08 30.35 -15.97
C SER A 120 63.44 30.67 -17.45
N ALA A 121 63.47 29.67 -18.33
CA ALA A 121 63.74 29.88 -19.77
C ALA A 121 62.67 30.74 -20.38
N SER A 122 62.98 31.36 -21.52
CA SER A 122 62.09 32.35 -22.15
C SER A 122 61.52 31.84 -23.47
N THR A 123 60.43 32.45 -23.86
CA THR A 123 59.69 32.13 -25.06
C THR A 123 60.52 32.31 -26.32
N LYS A 124 60.38 31.36 -27.23
CA LYS A 124 61.09 31.37 -28.49
C LYS A 124 60.19 30.70 -29.54
N GLY A 125 59.86 31.44 -30.59
CA GLY A 125 59.09 30.94 -31.69
C GLY A 125 59.90 30.01 -32.57
N PRO A 126 59.23 29.02 -33.16
CA PRO A 126 59.95 28.05 -33.96
C PRO A 126 60.34 28.61 -35.34
N SER A 127 61.35 27.99 -35.95
CA SER A 127 61.53 28.03 -37.38
C SER A 127 60.84 26.80 -37.96
N VAL A 128 60.38 26.90 -39.18
CA VAL A 128 59.69 25.83 -39.86
C VAL A 128 60.42 25.52 -41.17
N PHE A 129 60.84 24.28 -41.38
CA PHE A 129 61.60 23.89 -42.54
C PHE A 129 60.92 22.73 -43.24
N PRO A 130 60.97 22.66 -44.58
CA PRO A 130 60.32 21.52 -45.27
C PRO A 130 61.12 20.21 -45.23
N LEU A 131 60.39 19.11 -45.33
CA LEU A 131 60.95 17.80 -45.45
C LEU A 131 60.37 17.37 -46.76
N ALA A 132 61.22 17.48 -47.75
CA ALA A 132 60.81 17.33 -49.11
C ALA A 132 61.04 15.90 -49.57
N PRO A 133 60.09 15.34 -50.33
CA PRO A 133 60.15 14.03 -51.00
C PRO A 133 61.14 13.94 -52.21
N SER A 134 60.92 12.97 -53.10
CA SER A 134 61.66 12.68 -54.37
C SER A 134 62.27 11.28 -54.14
N SER A 135 61.70 10.26 -54.78
CA SER A 135 62.09 8.85 -54.54
C SER A 135 63.25 8.41 -55.44
N GLY A 141 53.78 3.78 -55.24
CA GLY A 141 53.04 5.01 -55.64
C GLY A 141 52.78 6.05 -54.55
N THR A 142 53.59 6.01 -53.48
CA THR A 142 53.34 6.80 -52.27
C THR A 142 54.59 7.60 -51.84
N ALA A 143 54.39 8.89 -51.58
CA ALA A 143 55.48 9.77 -51.13
C ALA A 143 55.22 10.28 -49.73
N ALA A 144 56.27 10.48 -48.97
CA ALA A 144 56.16 11.09 -47.66
C ALA A 144 56.66 12.49 -47.81
N LEU A 145 56.07 13.41 -47.05
CA LEU A 145 56.65 14.71 -46.87
C LEU A 145 56.27 15.24 -45.51
N GLY A 146 56.87 16.35 -45.14
CA GLY A 146 56.65 16.91 -43.84
C GLY A 146 57.21 18.29 -43.61
N CYS A 147 57.17 18.69 -42.34
CA CYS A 147 57.70 19.93 -41.83
C CYS A 147 58.41 19.63 -40.56
N LEU A 148 59.59 20.17 -40.42
CA LEU A 148 60.37 20.14 -39.21
C LEU A 148 60.15 21.47 -38.50
N VAL A 149 59.58 21.41 -37.30
CA VAL A 149 59.30 22.59 -36.51
C VAL A 149 60.37 22.66 -35.42
N LYS A 150 61.36 23.51 -35.60
CA LYS A 150 62.55 23.49 -34.78
C LYS A 150 62.76 24.68 -33.85
N ASP A 151 63.27 24.37 -32.66
CA ASP A 151 63.79 25.34 -31.67
C ASP A 151 62.73 26.27 -31.08
N TYR A 152 61.88 25.74 -30.20
CA TYR A 152 60.83 26.56 -29.59
C TYR A 152 60.69 26.29 -28.10
N PHE A 153 60.01 27.24 -27.45
CA PHE A 153 59.73 27.19 -26.03
C PHE A 153 58.64 28.18 -25.65
N PRO A 154 57.76 27.83 -24.71
CA PRO A 154 57.52 26.50 -24.17
C PRO A 154 56.66 25.69 -25.19
N GLU A 155 56.19 24.51 -24.79
CA GLU A 155 55.16 23.81 -25.54
C GLU A 155 53.85 24.57 -25.40
N PRO A 156 52.88 24.33 -26.27
CA PRO A 156 52.83 23.40 -27.37
C PRO A 156 52.86 24.12 -28.69
N VAL A 157 53.05 23.32 -29.73
CA VAL A 157 52.79 23.67 -31.10
C VAL A 157 51.65 22.79 -31.65
N THR A 158 50.80 23.37 -32.50
CA THR A 158 49.81 22.63 -33.29
C THR A 158 50.28 22.59 -34.73
N VAL A 159 49.99 21.52 -35.46
CA VAL A 159 50.27 21.44 -36.89
C VAL A 159 49.06 20.90 -37.63
N SER A 160 48.68 21.52 -38.74
CA SER A 160 47.68 20.96 -39.61
C SER A 160 48.24 20.94 -41.01
N TRP A 161 47.58 20.24 -41.92
CA TRP A 161 48.01 20.14 -43.29
C TRP A 161 46.83 20.65 -44.10
N ASN A 162 47.09 21.60 -45.00
CA ASN A 162 46.08 22.15 -45.91
C ASN A 162 44.83 22.65 -45.19
N SER A 163 45.11 23.46 -44.16
CA SER A 163 44.11 24.18 -43.36
C SER A 163 43.11 23.17 -42.72
N GLY A 164 43.58 21.96 -42.45
CA GLY A 164 42.76 20.97 -41.78
C GLY A 164 42.02 20.04 -42.67
N ALA A 165 42.04 20.30 -43.97
CA ALA A 165 41.36 19.44 -44.95
C ALA A 165 42.11 18.17 -45.28
N LEU A 166 43.39 18.09 -44.92
CA LEU A 166 44.14 16.85 -45.08
C LEU A 166 44.47 16.28 -43.69
N THR A 167 43.85 15.14 -43.37
CA THR A 167 44.04 14.46 -42.07
C THR A 167 44.47 13.03 -42.23
N SER A 168 43.97 12.32 -43.26
CA SER A 168 44.37 10.92 -43.51
C SER A 168 45.86 10.79 -43.72
N GLY A 169 46.49 10.00 -42.87
CA GLY A 169 47.91 9.70 -43.00
C GLY A 169 48.87 10.71 -42.37
N VAL A 170 48.32 11.73 -41.70
CA VAL A 170 49.12 12.69 -40.97
C VAL A 170 49.62 12.05 -39.65
N HIS A 171 50.92 12.17 -39.36
CA HIS A 171 51.49 11.90 -38.04
C HIS A 171 52.30 13.11 -37.57
N THR A 172 51.80 13.81 -36.57
CA THR A 172 52.58 14.84 -35.91
C THR A 172 53.21 14.25 -34.68
N PHE A 173 54.53 14.20 -34.66
CA PHE A 173 55.30 13.60 -33.59
C PHE A 173 55.25 14.41 -32.27
N PRO A 174 55.35 13.73 -31.11
CA PRO A 174 55.58 14.41 -29.86
C PRO A 174 56.93 15.08 -29.90
N ALA A 175 56.95 16.30 -29.38
CA ALA A 175 58.12 17.11 -29.35
C ALA A 175 59.17 16.45 -28.52
N VAL A 176 60.43 16.68 -28.89
CA VAL A 176 61.56 16.22 -28.08
C VAL A 176 62.31 17.41 -27.57
N LEU A 177 62.91 17.24 -26.40
CA LEU A 177 63.61 18.31 -25.74
C LEU A 177 65.05 18.17 -26.16
N GLN A 178 65.53 19.16 -26.91
CA GLN A 178 66.90 19.15 -27.41
C GLN A 178 67.87 19.57 -26.31
N SER A 179 69.14 19.20 -26.44
CA SER A 179 70.12 19.54 -25.38
C SER A 179 70.28 21.06 -25.17
N SER A 180 69.88 21.90 -26.13
CA SER A 180 69.72 23.34 -25.94
C SER A 180 68.65 23.81 -24.93
N GLY A 181 67.75 22.93 -24.51
CA GLY A 181 66.58 23.32 -23.69
C GLY A 181 65.40 23.88 -24.51
N LEU A 182 65.44 23.66 -25.83
CA LEU A 182 64.38 24.04 -26.71
C LEU A 182 63.75 22.79 -27.31
N TYR A 183 62.48 22.88 -27.66
CA TYR A 183 61.75 21.74 -28.23
C TYR A 183 61.87 21.73 -29.73
N SER A 184 61.59 20.61 -30.32
CA SER A 184 61.52 20.48 -31.75
C SER A 184 60.56 19.33 -32.07
N LEU A 185 59.80 19.42 -33.16
CA LEU A 185 59.05 18.27 -33.70
C LEU A 185 58.99 18.22 -35.23
N SER A 186 58.45 17.13 -35.74
CA SER A 186 58.15 16.96 -37.17
C SER A 186 56.73 16.47 -37.36
N SER A 187 56.11 16.90 -38.44
CA SER A 187 54.81 16.41 -38.85
C SER A 187 55.03 15.91 -40.24
N VAL A 188 54.48 14.75 -40.54
CA VAL A 188 54.64 14.12 -41.85
C VAL A 188 53.29 13.68 -42.33
N VAL A 189 53.20 13.37 -43.60
CA VAL A 189 51.93 12.92 -44.21
C VAL A 189 52.38 12.15 -45.44
N THR A 190 51.66 11.09 -45.80
CA THR A 190 51.97 10.30 -46.96
C THR A 190 50.91 10.57 -47.98
N VAL A 191 51.31 10.68 -49.23
CA VAL A 191 50.42 11.16 -50.29
C VAL A 191 50.68 10.38 -51.57
N PRO A 192 49.71 10.40 -52.51
CA PRO A 192 50.01 9.73 -53.78
C PRO A 192 51.14 10.50 -54.49
N SER A 193 52.26 9.85 -54.80
CA SER A 193 53.34 10.54 -55.56
C SER A 193 52.89 11.12 -56.95
N SER A 194 51.93 10.48 -57.62
CA SER A 194 51.35 10.97 -58.87
C SER A 194 50.74 12.39 -58.73
N SER A 195 50.26 12.72 -57.53
CA SER A 195 49.69 14.05 -57.26
C SER A 195 50.73 15.16 -57.12
N LEU A 196 51.99 14.85 -56.82
CA LEU A 196 52.98 15.90 -56.75
C LEU A 196 53.00 16.59 -58.10
N GLY A 197 53.38 17.85 -58.10
CA GLY A 197 53.34 18.59 -59.39
C GLY A 197 52.03 19.25 -59.73
N THR A 198 50.90 18.63 -59.38
CA THR A 198 49.55 19.24 -59.49
C THR A 198 48.82 19.56 -58.16
N GLN A 199 49.13 18.84 -57.08
CA GLN A 199 48.49 19.05 -55.78
C GLN A 199 49.50 19.66 -54.84
N THR A 200 49.17 20.74 -54.14
CA THR A 200 50.14 21.33 -53.25
C THR A 200 49.85 20.97 -51.78
N TYR A 201 50.90 20.93 -50.99
CA TYR A 201 50.83 20.49 -49.60
C TYR A 201 51.43 21.54 -48.74
N ILE A 202 50.61 22.12 -47.88
CA ILE A 202 51.02 23.21 -47.00
C ILE A 202 50.88 22.72 -45.61
N CYS A 203 51.88 22.99 -44.79
CA CYS A 203 51.71 22.78 -43.36
C CYS A 203 51.52 24.09 -42.64
N ASN A 204 50.57 24.09 -41.72
CA ASN A 204 50.09 25.25 -40.99
C ASN A 204 50.52 24.99 -39.58
N VAL A 205 51.39 25.86 -39.10
CA VAL A 205 52.00 25.72 -37.81
C VAL A 205 51.59 26.88 -36.93
N ASN A 206 51.32 26.57 -35.68
CA ASN A 206 50.89 27.59 -34.76
C ASN A 206 51.54 27.36 -33.41
N HIS A 207 52.25 28.35 -32.93
CA HIS A 207 52.85 28.37 -31.59
C HIS A 207 52.30 29.63 -30.92
N LYS A 208 51.17 29.48 -30.25
CA LYS A 208 50.49 30.60 -29.63
C LYS A 208 51.34 31.34 -28.57
N PRO A 209 52.21 30.63 -27.82
CA PRO A 209 53.04 31.32 -26.83
C PRO A 209 53.89 32.46 -27.33
N SER A 210 54.30 32.39 -28.60
CA SER A 210 55.13 33.43 -29.24
C SER A 210 54.43 34.12 -30.40
N ASN A 211 53.10 33.99 -30.49
CA ASN A 211 52.28 34.44 -31.64
C ASN A 211 52.87 34.15 -33.03
N THR A 212 53.49 32.99 -33.18
CA THR A 212 53.98 32.50 -34.47
C THR A 212 52.84 31.76 -35.19
N LYS A 213 52.52 32.17 -36.42
CA LYS A 213 51.56 31.44 -37.22
C LYS A 213 52.08 31.38 -38.67
N VAL A 214 52.67 30.24 -39.05
CA VAL A 214 53.35 30.08 -40.33
C VAL A 214 52.75 28.99 -41.15
N ASP A 215 52.69 29.21 -42.46
CA ASP A 215 52.41 28.20 -43.46
C ASP A 215 53.70 27.94 -44.20
N LYS A 216 53.93 26.69 -44.58
CA LYS A 216 55.10 26.33 -45.39
C LYS A 216 54.67 25.36 -46.45
N LYS A 217 54.92 25.73 -47.70
CA LYS A 217 54.76 24.84 -48.85
C LYS A 217 55.93 23.84 -48.89
N VAL A 218 55.60 22.58 -49.14
CA VAL A 218 56.57 21.49 -49.13
C VAL A 218 56.43 20.88 -50.49
N GLU A 219 57.45 21.03 -51.34
CA GLU A 219 57.44 20.41 -52.68
C GLU A 219 58.76 19.74 -52.92
N PRO A 220 58.82 18.84 -53.91
CA PRO A 220 60.15 18.25 -54.23
C PRO A 220 61.06 19.23 -54.90
N LYS A 221 62.34 18.87 -55.05
CA LYS A 221 63.30 19.68 -55.83
C LYS A 221 63.73 18.89 -57.06
N ASP B 1 42.54 9.69 3.97
CA ASP B 1 43.44 9.62 2.76
C ASP B 1 43.59 8.18 2.24
N ILE B 2 42.79 7.87 1.23
CA ILE B 2 42.74 6.55 0.60
C ILE B 2 43.54 6.58 -0.68
N GLN B 3 44.47 5.65 -0.84
CA GLN B 3 45.22 5.49 -2.06
C GLN B 3 44.50 4.41 -2.81
N MET B 4 44.54 4.48 -4.12
CA MET B 4 44.04 3.40 -4.94
C MET B 4 45.23 2.80 -5.69
N THR B 5 45.30 1.50 -5.66
CA THR B 5 46.29 0.77 -6.38
C THR B 5 45.60 0.10 -7.58
N GLN B 6 46.04 0.44 -8.77
CA GLN B 6 45.42 -0.03 -9.99
C GLN B 6 46.33 -1.09 -10.59
N SER B 7 45.76 -2.10 -11.19
CA SER B 7 46.58 -3.10 -11.80
C SER B 7 45.88 -3.68 -13.00
N PRO B 8 46.61 -4.16 -14.02
CA PRO B 8 48.07 -4.02 -14.18
C PRO B 8 48.46 -2.57 -14.56
N SER B 9 49.75 -2.28 -14.49
CA SER B 9 50.27 -1.02 -14.94
C SER B 9 50.18 -0.91 -16.44
N SER B 10 50.39 -2.00 -17.15
CA SER B 10 50.16 -1.98 -18.58
C SER B 10 49.86 -3.38 -19.13
N LEU B 11 49.22 -3.39 -20.28
CA LEU B 11 48.88 -4.65 -20.92
C LEU B 11 48.73 -4.48 -22.37
N SER B 12 48.78 -5.63 -23.04
CA SER B 12 48.68 -5.72 -24.45
C SER B 12 47.66 -6.80 -24.72
N ALA B 13 46.58 -6.43 -25.40
CA ALA B 13 45.52 -7.35 -25.73
C ALA B 13 45.04 -7.15 -27.16
N SER B 14 44.39 -8.17 -27.69
CA SER B 14 43.93 -8.18 -29.06
C SER B 14 42.50 -7.74 -29.21
N VAL B 15 42.20 -7.31 -30.45
CA VAL B 15 40.84 -6.86 -30.78
C VAL B 15 39.86 -8.00 -30.52
N GLY B 16 38.81 -7.74 -29.78
CA GLY B 16 37.82 -8.72 -29.39
C GLY B 16 37.95 -9.37 -28.02
N ASP B 17 39.14 -9.28 -27.44
CA ASP B 17 39.43 -9.84 -26.13
C ASP B 17 38.62 -9.19 -25.07
N ARG B 18 38.37 -9.94 -24.02
CA ARG B 18 37.78 -9.43 -22.81
C ARG B 18 38.94 -8.97 -21.93
N VAL B 19 38.95 -7.69 -21.60
CA VAL B 19 40.06 -7.12 -20.86
C VAL B 19 39.52 -6.76 -19.51
N THR B 20 40.23 -7.15 -18.47
CA THR B 20 39.88 -6.82 -17.09
C THR B 20 40.99 -6.01 -16.32
N ILE B 21 40.59 -4.92 -15.69
CA ILE B 21 41.49 -4.03 -15.02
C ILE B 21 40.99 -3.90 -13.60
N THR B 22 41.89 -3.75 -12.67
CA THR B 22 41.55 -3.82 -11.28
C THR B 22 42.00 -2.60 -10.49
N CYS B 23 41.29 -2.27 -9.45
CA CYS B 23 41.61 -1.13 -8.56
C CYS B 23 41.45 -1.64 -7.14
N ARG B 24 42.31 -1.22 -6.20
CA ARG B 24 42.25 -1.63 -4.79
C ARG B 24 42.44 -0.44 -3.84
N ALA B 25 41.53 -0.26 -2.91
CA ALA B 25 41.63 0.77 -1.91
C ALA B 25 42.61 0.38 -0.83
N SER B 26 43.37 1.35 -0.35
CA SER B 26 44.39 1.12 0.66
C SER B 26 43.82 0.90 2.08
N GLN B 27 42.62 1.40 2.33
CA GLN B 27 41.94 1.31 3.60
C GLN B 27 40.94 0.14 3.62
N ASP B 28 40.77 -0.46 4.80
CA ASP B 28 39.97 -1.66 4.96
C ASP B 28 38.51 -1.23 4.98
N ILE B 29 37.76 -1.66 3.97
CA ILE B 29 36.37 -1.25 3.80
C ILE B 29 35.65 -2.55 3.62
N PRO B 30 34.50 -2.73 4.27
CA PRO B 30 33.88 -4.05 4.26
C PRO B 30 33.13 -4.27 2.98
N ARG B 31 32.85 -5.54 2.68
CA ARG B 31 32.13 -5.95 1.46
C ARG B 31 30.65 -5.55 1.37
N SER B 32 30.07 -5.14 2.49
CA SER B 32 28.75 -4.52 2.49
C SER B 32 28.77 -3.17 1.75
N ILE B 33 29.97 -2.56 1.62
CA ILE B 33 30.13 -1.27 1.01
C ILE B 33 30.59 -1.37 -0.44
N SER B 34 29.99 -0.58 -1.30
CA SER B 34 30.22 -0.61 -2.72
C SER B 34 30.03 0.80 -3.32
N GLY B 35 30.03 0.92 -4.65
CA GLY B 35 29.65 2.15 -5.37
C GLY B 35 30.40 3.48 -5.16
N TYR B 36 31.68 3.41 -4.77
CA TYR B 36 32.47 4.58 -4.44
C TYR B 36 33.58 4.91 -5.44
N VAL B 37 33.56 4.24 -6.59
CA VAL B 37 34.63 4.29 -7.56
C VAL B 37 34.06 4.69 -8.93
N ALA B 38 34.79 5.53 -9.65
CA ALA B 38 34.54 5.85 -11.02
C ALA B 38 35.70 5.46 -11.90
N TRP B 39 35.45 5.13 -13.15
CA TRP B 39 36.50 4.77 -14.06
C TRP B 39 36.49 5.77 -15.22
N TYR B 40 37.68 6.20 -15.63
CA TYR B 40 37.90 7.10 -16.74
C TYR B 40 38.82 6.52 -17.83
N GLN B 41 38.61 6.97 -19.04
CA GLN B 41 39.46 6.68 -20.19
C GLN B 41 40.09 8.00 -20.68
N GLN B 42 41.39 7.96 -20.87
CA GLN B 42 42.13 9.06 -21.40
C GLN B 42 42.97 8.64 -22.61
N LYS B 43 42.60 9.19 -23.76
CA LYS B 43 43.36 9.05 -25.02
C LYS B 43 44.46 10.10 -25.09
N PRO B 44 45.49 9.86 -25.89
CA PRO B 44 46.56 10.86 -25.93
C PRO B 44 46.13 12.31 -26.28
N GLY B 45 46.62 13.25 -25.47
CA GLY B 45 46.32 14.67 -25.66
C GLY B 45 44.87 15.04 -25.48
N LYS B 46 44.11 14.25 -24.74
CA LYS B 46 42.69 14.47 -24.53
C LYS B 46 42.43 14.47 -23.06
N ALA B 47 41.28 15.01 -22.71
CA ALA B 47 40.85 15.01 -21.34
C ALA B 47 40.32 13.65 -20.98
N PRO B 48 40.35 13.34 -19.68
CA PRO B 48 39.71 12.10 -19.32
C PRO B 48 38.18 12.14 -19.59
N LYS B 49 37.63 10.95 -19.76
CA LYS B 49 36.23 10.76 -20.05
C LYS B 49 35.65 9.68 -19.14
N LEU B 50 34.52 9.98 -18.52
CA LEU B 50 33.87 9.07 -17.59
C LEU B 50 33.26 7.89 -18.31
N LEU B 51 33.60 6.68 -17.85
CA LEU B 51 33.03 5.45 -18.38
C LEU B 51 31.98 4.83 -17.46
N ILE B 52 32.31 4.73 -16.18
CA ILE B 52 31.53 4.00 -15.22
C ILE B 52 31.51 4.84 -13.98
N TYR B 53 30.36 4.89 -13.31
CA TYR B 53 30.24 5.62 -12.06
C TYR B 53 29.49 4.81 -11.05
N TRP B 54 29.58 5.22 -9.80
CA TRP B 54 29.08 4.46 -8.67
C TRP B 54 29.40 2.95 -8.76
N GLY B 55 30.62 2.62 -9.16
CA GLY B 55 31.11 1.23 -9.21
C GLY B 55 30.71 0.40 -10.41
N SER B 56 29.46 0.49 -10.81
CA SER B 56 28.90 -0.42 -11.84
C SER B 56 27.92 0.19 -12.87
N TYR B 57 27.72 1.51 -12.85
CA TYR B 57 26.74 2.11 -13.76
C TYR B 57 27.40 2.71 -14.96
N LEU B 58 26.83 2.39 -16.11
CA LEU B 58 27.38 2.80 -17.39
C LEU B 58 26.96 4.24 -17.64
N TYR B 59 27.91 5.13 -17.88
CA TYR B 59 27.59 6.51 -18.13
C TYR B 59 26.96 6.67 -19.50
N SER B 60 26.02 7.60 -19.52
CA SER B 60 25.36 8.10 -20.72
C SER B 60 26.26 8.22 -21.94
N GLY B 61 26.01 7.41 -22.96
CA GLY B 61 26.76 7.52 -24.22
C GLY B 61 27.96 6.61 -24.34
N VAL B 62 28.33 5.93 -23.28
CA VAL B 62 29.49 5.05 -23.31
C VAL B 62 29.09 3.71 -23.93
N PRO B 63 29.92 3.15 -24.78
CA PRO B 63 29.56 1.84 -25.34
C PRO B 63 29.31 0.76 -24.32
N SER B 64 28.38 -0.14 -24.60
CA SER B 64 27.99 -1.17 -23.64
C SER B 64 29.06 -2.28 -23.42
N ARG B 65 30.06 -2.38 -24.29
CA ARG B 65 31.21 -3.26 -23.96
C ARG B 65 31.96 -2.92 -22.65
N PHE B 66 31.78 -1.70 -22.13
CA PHE B 66 32.32 -1.29 -20.84
C PHE B 66 31.37 -1.65 -19.70
N SER B 67 31.89 -2.27 -18.65
CA SER B 67 31.18 -2.44 -17.41
C SER B 67 32.11 -2.44 -16.22
N GLY B 68 31.53 -2.39 -15.03
CA GLY B 68 32.29 -2.44 -13.84
C GLY B 68 31.59 -3.09 -12.68
N SER B 69 32.35 -3.48 -11.68
CA SER B 69 31.78 -4.07 -10.48
C SER B 69 32.74 -3.94 -9.31
N GLY B 70 32.24 -4.23 -8.12
CA GLY B 70 33.10 -4.31 -6.98
C GLY B 70 32.45 -3.96 -5.70
N SER B 71 33.17 -4.30 -4.63
CA SER B 71 32.73 -4.08 -3.27
C SER B 71 33.95 -4.22 -2.39
N GLY B 72 33.82 -3.74 -1.17
CA GLY B 72 34.92 -3.78 -0.24
C GLY B 72 36.00 -2.90 -0.76
N THR B 73 37.19 -3.47 -0.91
CA THR B 73 38.33 -2.72 -1.36
C THR B 73 38.56 -2.90 -2.85
N ASP B 74 37.84 -3.81 -3.50
CA ASP B 74 38.25 -4.33 -4.82
C ASP B 74 37.25 -4.00 -5.90
N PHE B 75 37.70 -3.32 -6.93
CA PHE B 75 36.84 -2.94 -8.07
C PHE B 75 37.43 -3.37 -9.39
N THR B 76 36.57 -3.61 -10.36
CA THR B 76 36.96 -4.09 -11.68
C THR B 76 36.29 -3.31 -12.76
N LEU B 77 37.07 -2.92 -13.77
CA LEU B 77 36.55 -2.45 -15.04
C LEU B 77 36.76 -3.54 -16.06
N THR B 78 35.73 -3.83 -16.86
CA THR B 78 35.84 -4.86 -17.88
C THR B 78 35.45 -4.27 -19.21
N ILE B 79 36.25 -4.59 -20.21
CA ILE B 79 35.98 -4.34 -21.59
C ILE B 79 35.71 -5.72 -22.25
N SER B 80 34.44 -6.01 -22.49
CA SER B 80 33.99 -7.30 -22.96
C SER B 80 34.47 -7.60 -24.35
N SER B 81 34.70 -6.57 -25.19
CA SER B 81 35.21 -6.83 -26.54
C SER B 81 36.08 -5.71 -27.05
N LEU B 82 37.38 -5.84 -26.86
CA LEU B 82 38.30 -4.75 -27.00
C LEU B 82 38.32 -4.24 -28.44
N GLN B 83 38.25 -2.93 -28.65
CA GLN B 83 38.27 -2.34 -30.01
C GLN B 83 39.52 -1.51 -30.18
N PRO B 84 39.96 -1.30 -31.41
CA PRO B 84 41.16 -0.54 -31.67
C PRO B 84 41.12 0.86 -31.06
N GLU B 85 39.95 1.46 -31.06
CA GLU B 85 39.77 2.77 -30.49
C GLU B 85 39.86 2.79 -28.96
N ASP B 86 39.91 1.61 -28.31
CA ASP B 86 40.07 1.51 -26.84
C ASP B 86 41.51 1.68 -26.32
N PHE B 87 42.48 1.84 -27.24
CA PHE B 87 43.80 2.27 -26.86
C PHE B 87 43.72 3.58 -26.05
N ALA B 88 44.28 3.56 -24.85
CA ALA B 88 44.14 4.62 -23.86
C ALA B 88 44.84 4.22 -22.56
N THR B 89 44.87 5.18 -21.64
CA THR B 89 45.14 4.93 -20.29
C THR B 89 43.84 4.99 -19.54
N TYR B 90 43.61 4.00 -18.64
CA TYR B 90 42.38 3.92 -17.85
C TYR B 90 42.72 4.26 -16.41
N TYR B 91 41.92 5.10 -15.78
CA TYR B 91 42.15 5.51 -14.40
C TYR B 91 40.92 5.21 -13.57
N CYS B 92 41.09 4.69 -12.35
CA CYS B 92 40.02 4.66 -11.40
C CYS B 92 40.17 5.84 -10.48
N GLN B 93 39.07 6.17 -9.79
CA GLN B 93 38.99 7.23 -8.82
C GLN B 93 38.09 6.76 -7.68
N GLN B 94 38.47 7.05 -6.46
CA GLN B 94 37.58 6.84 -5.34
C GLN B 94 37.02 8.14 -4.85
N HIS B 95 35.76 8.09 -4.45
CA HIS B 95 35.15 9.23 -3.79
C HIS B 95 34.39 8.76 -2.56
N TYR B 96 34.96 7.79 -1.88
CA TYR B 96 34.49 7.42 -0.57
C TYR B 96 34.78 8.56 0.38
N THR B 97 35.92 9.21 0.19
CA THR B 97 36.34 10.31 1.01
C THR B 97 36.94 11.42 0.15
N THR B 98 37.25 12.56 0.76
CA THR B 98 37.98 13.63 0.12
C THR B 98 39.20 13.77 0.93
N PRO B 99 40.36 13.99 0.27
CA PRO B 99 40.56 14.23 -1.17
C PRO B 99 40.15 13.04 -2.00
N PRO B 100 39.42 13.27 -3.09
CA PRO B 100 39.28 12.16 -4.04
C PRO B 100 40.64 11.83 -4.63
N THR B 101 40.92 10.56 -4.89
CA THR B 101 42.20 10.15 -5.43
C THR B 101 42.02 9.16 -6.59
N PHE B 102 43.04 9.07 -7.42
CA PHE B 102 43.05 8.34 -8.65
C PHE B 102 44.07 7.26 -8.51
N GLY B 103 43.82 6.12 -9.12
CA GLY B 103 44.90 5.14 -9.34
C GLY B 103 45.90 5.71 -10.31
N GLN B 104 47.02 5.03 -10.46
CA GLN B 104 48.19 5.50 -11.23
C GLN B 104 47.96 5.23 -12.70
N GLY B 105 46.98 4.39 -13.06
CA GLY B 105 46.60 4.21 -14.43
C GLY B 105 46.99 2.86 -14.95
N THR B 106 46.34 2.47 -16.04
CA THR B 106 46.64 1.21 -16.73
C THR B 106 46.70 1.50 -18.19
N LYS B 107 47.82 1.22 -18.82
CA LYS B 107 47.99 1.55 -20.26
C LYS B 107 47.59 0.32 -21.05
N VAL B 108 46.54 0.46 -21.86
CA VAL B 108 46.08 -0.60 -22.70
C VAL B 108 46.64 -0.38 -24.09
N GLU B 109 47.49 -1.29 -24.56
CA GLU B 109 47.89 -1.27 -25.96
C GLU B 109 47.17 -2.38 -26.75
N ILE B 110 46.82 -2.08 -28.00
CA ILE B 110 46.13 -3.04 -28.83
C ILE B 110 47.14 -3.89 -29.52
N LYS B 111 47.12 -5.20 -29.29
CA LYS B 111 48.00 -6.13 -30.04
C LYS B 111 47.41 -6.54 -31.39
N ARG B 112 48.17 -6.34 -32.45
CA ARG B 112 47.66 -6.56 -33.80
C ARG B 112 48.64 -7.39 -34.60
N THR B 113 48.28 -7.65 -35.85
CA THR B 113 49.14 -8.39 -36.76
C THR B 113 50.39 -7.59 -37.01
N VAL B 114 51.46 -8.27 -37.29
CA VAL B 114 52.69 -7.55 -37.56
C VAL B 114 52.58 -6.81 -38.90
N ALA B 115 53.16 -5.61 -38.93
CA ALA B 115 53.28 -4.77 -40.13
C ALA B 115 54.65 -4.08 -40.19
N ALA B 116 55.44 -4.33 -41.23
CA ALA B 116 56.75 -3.67 -41.44
C ALA B 116 56.56 -2.18 -41.71
N PRO B 117 57.56 -1.39 -41.29
CA PRO B 117 57.52 0.06 -41.57
C PRO B 117 57.84 0.36 -43.04
N SER B 118 57.15 1.35 -43.63
CA SER B 118 57.61 2.01 -44.86
C SER B 118 58.58 3.10 -44.37
N VAL B 119 59.80 3.07 -44.90
CA VAL B 119 60.91 3.96 -44.49
C VAL B 119 61.21 5.04 -45.52
N PHE B 120 61.53 6.23 -45.02
CA PHE B 120 61.75 7.41 -45.85
C PHE B 120 62.85 8.27 -45.23
N ILE B 121 63.69 8.90 -46.05
CA ILE B 121 64.77 9.76 -45.53
C ILE B 121 64.66 11.15 -46.15
N PHE B 122 64.98 12.17 -45.37
CA PHE B 122 64.83 13.55 -45.77
C PHE B 122 66.13 14.27 -45.58
N PRO B 123 66.68 14.88 -46.68
CA PRO B 123 67.82 15.78 -46.49
C PRO B 123 67.38 17.05 -45.79
N PRO B 124 68.33 17.76 -45.17
CA PRO B 124 68.01 19.08 -44.65
C PRO B 124 67.71 20.09 -45.77
N SER B 125 66.85 21.06 -45.46
CA SER B 125 66.41 22.06 -46.42
C SER B 125 67.55 23.08 -46.62
N ASP B 126 67.65 23.60 -47.83
CA ASP B 126 68.60 24.71 -48.11
C ASP B 126 68.34 25.90 -47.15
N GLU B 127 67.07 26.18 -46.85
CA GLU B 127 66.73 27.24 -45.91
C GLU B 127 67.37 27.01 -44.54
N GLN B 128 67.31 25.78 -44.04
CA GLN B 128 67.87 25.50 -42.74
C GLN B 128 69.38 25.69 -42.76
N LEU B 129 70.02 25.18 -43.82
CA LEU B 129 71.48 25.30 -43.97
C LEU B 129 72.02 26.76 -43.89
N LYS B 130 71.30 27.74 -44.46
CA LYS B 130 71.58 29.20 -44.27
C LYS B 130 71.76 29.65 -42.81
N SER B 131 70.95 29.10 -41.91
CA SER B 131 71.04 29.47 -40.50
C SER B 131 72.20 28.75 -39.78
N GLY B 132 72.86 27.79 -40.41
CA GLY B 132 74.03 27.15 -39.84
C GLY B 132 73.86 25.79 -39.19
N THR B 133 72.69 25.15 -39.37
CA THR B 133 72.43 23.80 -38.80
C THR B 133 71.85 22.87 -39.86
N ALA B 134 72.11 21.57 -39.72
CA ALA B 134 71.53 20.57 -40.61
C ALA B 134 70.87 19.46 -39.80
N SER B 135 69.56 19.30 -40.01
CA SER B 135 68.78 18.21 -39.45
C SER B 135 68.49 17.22 -40.57
N VAL B 136 68.82 15.95 -40.37
CA VAL B 136 68.45 14.89 -41.33
C VAL B 136 67.41 14.01 -40.63
N VAL B 137 66.30 13.71 -41.32
CA VAL B 137 65.18 12.98 -40.72
C VAL B 137 64.94 11.64 -41.43
N CYS B 138 64.73 10.60 -40.61
CA CYS B 138 64.30 9.28 -41.06
C CYS B 138 62.93 9.03 -40.45
N LEU B 139 62.03 8.54 -41.28
CA LEU B 139 60.68 8.30 -40.93
C LEU B 139 60.40 6.81 -41.13
N LEU B 140 59.86 6.17 -40.08
CA LEU B 140 59.35 4.80 -40.16
C LEU B 140 57.87 4.90 -39.97
N ASN B 141 57.10 4.51 -40.97
CA ASN B 141 55.69 4.79 -41.00
C ASN B 141 54.79 3.54 -40.84
N ASN B 142 53.77 3.63 -39.96
CA ASN B 142 52.74 2.59 -39.83
C ASN B 142 53.28 1.17 -39.69
N PHE B 143 54.06 0.99 -38.63
CA PHE B 143 54.54 -0.31 -38.23
C PHE B 143 53.93 -0.87 -36.89
N TYR B 144 54.09 -2.18 -36.67
CA TYR B 144 53.71 -2.92 -35.46
C TYR B 144 54.57 -4.20 -35.39
N PRO B 145 55.15 -4.53 -34.22
CA PRO B 145 55.05 -3.90 -32.92
C PRO B 145 55.96 -2.70 -32.85
N ARG B 146 55.90 -2.03 -31.73
CA ARG B 146 56.61 -0.76 -31.48
C ARG B 146 58.10 -0.88 -31.46
N GLU B 147 58.61 -2.04 -31.14
CA GLU B 147 60.05 -2.22 -31.06
C GLU B 147 60.69 -2.10 -32.46
N ALA B 148 61.62 -1.16 -32.60
CA ALA B 148 62.35 -0.96 -33.87
C ALA B 148 63.69 -0.32 -33.61
N LYS B 149 64.66 -0.58 -34.49
CA LYS B 149 66.01 -0.06 -34.31
C LYS B 149 66.43 0.76 -35.55
N VAL B 150 66.97 1.96 -35.30
CA VAL B 150 67.31 2.96 -36.35
C VAL B 150 68.74 3.48 -36.22
N GLN B 151 69.58 3.15 -37.21
CA GLN B 151 71.03 3.52 -37.19
C GLN B 151 71.37 4.56 -38.27
N TRP B 152 72.07 5.64 -37.86
CA TRP B 152 72.56 6.67 -38.78
C TRP B 152 73.98 6.35 -39.22
N LYS B 153 74.18 6.24 -40.54
CA LYS B 153 75.53 6.10 -41.14
C LYS B 153 75.93 7.33 -42.01
N VAL B 154 76.99 8.03 -41.61
CA VAL B 154 77.50 9.23 -42.32
C VAL B 154 78.89 8.92 -42.94
N ASP B 155 78.93 8.75 -44.27
CA ASP B 155 80.11 8.25 -45.01
C ASP B 155 80.51 6.85 -44.46
N ASN B 156 79.50 5.99 -44.32
CA ASN B 156 79.63 4.69 -43.63
C ASN B 156 79.98 4.63 -42.13
N ALA B 157 80.48 5.72 -41.54
CA ALA B 157 80.74 5.77 -40.08
C ALA B 157 79.41 5.90 -39.28
N LEU B 158 79.23 5.02 -38.31
CA LEU B 158 78.07 5.03 -37.46
C LEU B 158 78.09 6.17 -36.48
N GLN B 159 76.90 6.72 -36.23
CA GLN B 159 76.76 7.92 -35.41
C GLN B 159 76.25 7.56 -34.03
N SER B 160 76.57 8.42 -33.08
CA SER B 160 76.13 8.24 -31.71
C SER B 160 76.17 9.59 -30.99
N GLY B 161 75.13 9.88 -30.20
CA GLY B 161 75.07 11.09 -29.39
C GLY B 161 74.59 12.33 -30.12
N ASN B 162 74.15 12.16 -31.36
CA ASN B 162 73.71 13.33 -32.18
C ASN B 162 72.32 13.13 -32.88
N SER B 163 71.56 12.10 -32.46
CA SER B 163 70.21 11.85 -32.94
C SER B 163 69.22 11.74 -31.78
N GLN B 164 67.94 11.89 -32.12
CA GLN B 164 66.84 11.87 -31.16
C GLN B 164 65.62 11.26 -31.87
N GLU B 165 64.95 10.32 -31.20
CA GLU B 165 63.79 9.64 -31.73
C GLU B 165 62.52 10.20 -31.08
N SER B 166 61.43 10.13 -31.81
CA SER B 166 60.10 10.35 -31.26
C SER B 166 59.24 9.30 -31.92
N VAL B 167 58.25 8.82 -31.20
CA VAL B 167 57.35 7.76 -31.70
C VAL B 167 55.95 8.21 -31.34
N THR B 168 55.03 8.03 -32.26
CA THR B 168 53.69 8.45 -32.02
C THR B 168 53.03 7.48 -31.04
N GLU B 169 51.88 7.91 -30.58
CA GLU B 169 51.03 7.06 -29.79
C GLU B 169 50.39 6.09 -30.76
N GLN B 170 49.95 4.97 -30.25
CA GLN B 170 49.38 3.95 -31.10
C GLN B 170 48.18 4.51 -31.84
N ASP B 171 48.03 4.20 -33.13
CA ASP B 171 46.97 4.75 -33.92
C ASP B 171 45.63 4.12 -33.54
N SER B 172 44.60 4.95 -33.48
CA SER B 172 43.35 4.51 -32.90
C SER B 172 42.46 3.73 -33.86
N LYS B 173 42.87 3.62 -35.11
CA LYS B 173 42.10 2.88 -36.10
C LYS B 173 42.79 1.63 -36.57
N ASP B 174 44.09 1.70 -36.82
CA ASP B 174 44.86 0.58 -37.37
C ASP B 174 46.00 0.09 -36.44
N SER B 175 46.14 0.68 -35.24
CA SER B 175 46.96 0.13 -34.14
C SER B 175 48.44 0.10 -34.38
N THR B 176 48.87 0.96 -35.30
CA THR B 176 50.27 1.05 -35.63
C THR B 176 50.91 2.26 -34.97
N TYR B 177 52.23 2.23 -35.04
CA TYR B 177 53.12 3.26 -34.58
C TYR B 177 53.84 3.89 -35.78
N SER B 178 54.38 5.07 -35.57
CA SER B 178 55.34 5.68 -36.50
C SER B 178 56.41 6.28 -35.66
N LEU B 179 57.59 6.43 -36.24
CA LEU B 179 58.76 6.85 -35.52
C LEU B 179 59.60 7.78 -36.40
N SER B 180 60.18 8.79 -35.79
CA SER B 180 61.06 9.70 -36.50
C SER B 180 62.38 9.65 -35.81
N SER B 181 63.46 9.65 -36.59
CA SER B 181 64.78 9.83 -36.05
C SER B 181 65.38 11.06 -36.76
N THR B 182 65.93 11.98 -35.98
CA THR B 182 66.43 13.24 -36.44
C THR B 182 67.87 13.36 -36.02
N LEU B 183 68.76 13.34 -37.01
CA LEU B 183 70.21 13.60 -36.83
C LEU B 183 70.57 15.06 -36.97
N THR B 184 71.22 15.62 -35.95
CA THR B 184 71.53 17.03 -35.92
C THR B 184 73.07 17.34 -35.90
N LEU B 185 73.53 17.87 -37.04
CA LEU B 185 74.91 18.31 -37.30
C LEU B 185 74.97 19.83 -37.53
N SER B 186 76.12 20.43 -37.19
CA SER B 186 76.45 21.79 -37.70
C SER B 186 76.55 21.74 -39.25
N LYS B 187 76.30 22.88 -39.90
CA LYS B 187 76.49 23.04 -41.37
C LYS B 187 77.90 22.61 -41.76
N ALA B 188 78.90 23.11 -41.02
CA ALA B 188 80.29 22.71 -41.23
C ALA B 188 80.42 21.20 -41.29
N ASP B 189 80.05 20.50 -40.19
CA ASP B 189 80.16 19.03 -40.18
C ASP B 189 79.34 18.38 -41.28
N TYR B 190 78.10 18.86 -41.50
CA TYR B 190 77.25 18.33 -42.58
C TYR B 190 77.97 18.41 -43.95
N GLU B 191 78.60 19.55 -44.25
CA GLU B 191 79.23 19.77 -45.57
C GLU B 191 80.52 18.97 -45.80
N LYS B 192 81.22 18.61 -44.71
CA LYS B 192 82.38 17.70 -44.80
C LYS B 192 82.11 16.29 -45.31
N HIS B 193 80.85 15.86 -45.45
CA HIS B 193 80.55 14.44 -45.79
C HIS B 193 79.54 14.35 -46.91
N LYS B 194 79.39 13.19 -47.52
CA LYS B 194 78.63 13.05 -48.76
C LYS B 194 77.41 12.14 -48.66
N VAL B 195 77.62 10.90 -48.25
CA VAL B 195 76.53 9.88 -48.20
C VAL B 195 75.91 9.81 -46.77
N TYR B 196 74.59 10.03 -46.69
CA TYR B 196 73.84 10.05 -45.42
C TYR B 196 72.87 8.90 -45.51
N ALA B 197 72.88 8.03 -44.51
CA ALA B 197 71.96 6.86 -44.51
C ALA B 197 71.29 6.53 -43.18
N CYS B 198 70.17 5.84 -43.33
CA CYS B 198 69.32 5.44 -42.24
C CYS B 198 69.09 3.92 -42.38
N GLU B 199 69.60 3.13 -41.41
CA GLU B 199 69.39 1.65 -41.43
C GLU B 199 68.33 1.21 -40.40
N VAL B 200 67.31 0.50 -40.89
CA VAL B 200 66.10 0.13 -40.12
C VAL B 200 65.89 -1.40 -39.90
N THR B 201 65.90 -1.79 -38.63
CA THR B 201 65.61 -3.16 -38.20
C THR B 201 64.23 -3.28 -37.52
N HIS B 202 63.45 -4.24 -37.95
CA HIS B 202 62.13 -4.50 -37.39
C HIS B 202 61.64 -5.94 -37.75
N GLN B 203 60.93 -6.56 -36.82
CA GLN B 203 60.60 -7.98 -36.96
C GLN B 203 59.71 -8.26 -38.17
N GLY B 204 59.02 -7.23 -38.65
CA GLY B 204 58.32 -7.27 -39.94
C GLY B 204 59.18 -7.36 -41.19
N LEU B 205 60.48 -7.10 -41.05
CA LEU B 205 61.40 -6.99 -42.19
C LEU B 205 62.37 -8.14 -42.19
N SER B 206 62.37 -8.93 -43.28
CA SER B 206 63.34 -10.08 -43.47
C SER B 206 64.80 -9.75 -43.17
N SER B 207 65.19 -8.52 -43.47
CA SER B 207 66.57 -8.06 -43.22
C SER B 207 66.56 -6.54 -43.27
N PRO B 208 67.57 -5.88 -42.66
CA PRO B 208 67.54 -4.41 -42.55
C PRO B 208 67.20 -3.69 -43.86
N VAL B 209 66.40 -2.63 -43.77
CA VAL B 209 66.11 -1.76 -44.92
C VAL B 209 66.95 -0.50 -44.71
N THR B 210 67.65 -0.08 -45.77
CA THR B 210 68.44 1.14 -45.77
C THR B 210 67.93 2.15 -46.81
N LYS B 211 67.86 3.40 -46.36
CA LYS B 211 67.53 4.52 -47.20
C LYS B 211 68.65 5.51 -47.01
N SER B 212 69.05 6.13 -48.12
CA SER B 212 70.17 7.07 -48.13
C SER B 212 70.01 8.06 -49.27
N PHE B 213 70.87 9.07 -49.24
CA PHE B 213 70.98 10.06 -50.30
C PHE B 213 72.42 10.56 -50.21
N ASN B 214 72.93 11.12 -51.32
CA ASN B 214 74.23 11.82 -51.31
C ASN B 214 73.96 13.31 -51.41
N ARG B 215 74.60 14.12 -50.58
CA ARG B 215 74.46 15.61 -50.66
C ARG B 215 74.17 16.46 -51.97
N GLY B 216 74.63 16.05 -53.15
CA GLY B 216 74.27 16.77 -54.40
C GLY B 216 72.81 16.61 -54.78
N GLU C 13 -19.70 4.71 -9.03
CA GLU C 13 -20.17 3.60 -8.13
C GLU C 13 -19.67 3.86 -6.70
N VAL C 14 -20.34 3.24 -5.73
CA VAL C 14 -20.03 3.43 -4.34
C VAL C 14 -19.35 2.19 -3.82
N VAL C 15 -18.32 2.36 -2.99
CA VAL C 15 -17.70 1.18 -2.38
C VAL C 15 -18.58 0.72 -1.20
N LYS C 16 -18.97 -0.54 -1.26
CA LYS C 16 -19.82 -1.14 -0.27
C LYS C 16 -19.10 -1.25 1.06
N PHE C 17 -19.86 -1.08 2.14
CA PHE C 17 -19.32 -1.04 3.48
C PHE C 17 -18.50 -2.30 3.81
N MET C 18 -18.96 -3.49 3.42
CA MET C 18 -18.25 -4.72 3.84
C MET C 18 -16.92 -4.88 3.08
N ASP C 19 -16.86 -4.36 1.86
CA ASP C 19 -15.60 -4.26 1.11
C ASP C 19 -14.66 -3.26 1.80
N VAL C 20 -15.13 -2.05 2.11
CA VAL C 20 -14.26 -1.09 2.81
C VAL C 20 -13.73 -1.65 4.12
N TYR C 21 -14.61 -2.18 4.93
CA TYR C 21 -14.25 -2.73 6.22
C TYR C 21 -13.12 -3.76 6.05
N GLN C 22 -13.33 -4.65 5.10
CA GLN C 22 -12.40 -5.77 4.89
C GLN C 22 -11.02 -5.29 4.39
N ARG C 23 -11.00 -4.37 3.42
CA ARG C 23 -9.75 -3.88 2.81
C ARG C 23 -8.96 -3.05 3.78
N SER C 24 -9.65 -2.42 4.74
CA SER C 24 -9.02 -1.51 5.66
C SER C 24 -8.60 -2.16 7.00
N TYR C 25 -9.02 -3.39 7.26
CA TYR C 25 -8.69 -4.02 8.54
C TYR C 25 -7.18 -4.34 8.62
N CYS C 26 -6.56 -3.99 9.75
CA CYS C 26 -5.21 -4.43 10.14
C CYS C 26 -4.59 -5.60 9.38
N HIS C 27 -3.57 -5.27 8.59
CA HIS C 27 -2.81 -6.24 7.80
C HIS C 27 -1.43 -5.66 7.38
N PRO C 28 -0.50 -6.54 6.94
CA PRO C 28 0.75 -6.06 6.34
C PRO C 28 0.51 -5.35 5.01
N ILE C 29 0.92 -4.09 4.93
CA ILE C 29 0.84 -3.34 3.68
C ILE C 29 2.23 -2.71 3.31
N GLU C 30 2.51 -2.63 2.01
CA GLU C 30 3.67 -1.87 1.52
C GLU C 30 3.58 -0.40 1.92
N THR C 31 4.50 0.01 2.77
CA THR C 31 4.54 1.32 3.35
C THR C 31 5.92 1.96 3.02
N LEU C 32 5.95 3.23 2.65
CA LEU C 32 7.20 3.94 2.38
C LEU C 32 7.66 4.59 3.68
N VAL C 33 8.81 4.15 4.18
CA VAL C 33 9.28 4.58 5.46
C VAL C 33 10.56 5.40 5.29
N ASP C 34 10.58 6.59 5.86
CA ASP C 34 11.76 7.40 5.89
C ASP C 34 12.88 6.65 6.63
N ILE C 35 14.07 6.60 6.01
CA ILE C 35 15.22 5.88 6.58
C ILE C 35 15.70 6.55 7.85
N PHE C 36 15.73 7.88 7.87
CA PHE C 36 16.22 8.60 9.05
C PHE C 36 15.39 8.20 10.31
N GLN C 37 14.10 7.86 10.13
CA GLN C 37 13.30 7.38 11.26
C GLN C 37 13.60 5.95 11.71
N GLU C 38 13.96 5.05 10.79
CA GLU C 38 14.52 3.74 11.18
C GLU C 38 15.95 3.81 11.76
N TYR C 39 16.70 4.85 11.47
CA TYR C 39 18.05 5.03 12.03
C TYR C 39 18.13 6.43 12.58
N PRO C 40 17.43 6.67 13.71
CA PRO C 40 17.35 8.02 14.24
C PRO C 40 18.69 8.59 14.69
N ASP C 41 19.64 7.72 15.04
CA ASP C 41 20.99 8.12 15.45
C ASP C 41 21.97 8.56 14.32
N GLU C 42 21.71 8.21 13.05
CA GLU C 42 22.68 8.43 11.92
C GLU C 42 22.49 9.80 11.28
N ILE C 43 23.00 10.81 11.99
CA ILE C 43 23.03 12.22 11.51
C ILE C 43 24.18 12.55 10.51
N GLU C 44 25.26 11.74 10.62
CA GLU C 44 26.48 11.75 9.76
C GLU C 44 26.19 11.72 8.24
N TYR C 45 25.16 10.95 7.82
CA TYR C 45 24.83 10.75 6.43
C TYR C 45 23.43 11.21 6.03
N ILE C 46 23.30 11.62 4.79
CA ILE C 46 22.06 11.74 4.08
C ILE C 46 21.90 10.43 3.27
N PHE C 47 20.66 10.00 3.01
CA PHE C 47 20.36 8.77 2.32
C PHE C 47 19.65 9.05 1.02
N LYS C 48 19.98 8.29 0.01
CA LYS C 48 19.33 8.38 -1.27
C LYS C 48 19.06 6.90 -1.68
N PRO C 49 17.79 6.52 -1.93
CA PRO C 49 16.53 7.26 -1.66
C PRO C 49 16.40 7.51 -0.18
N SER C 50 15.63 8.53 0.21
CA SER C 50 15.51 8.89 1.63
C SER C 50 14.53 7.97 2.38
N CYS C 51 13.86 7.08 1.63
CA CYS C 51 12.84 6.22 2.15
C CYS C 51 12.78 4.88 1.38
N VAL C 52 12.29 3.85 2.05
CA VAL C 52 12.30 2.52 1.50
C VAL C 52 10.92 1.88 1.65
N PRO C 53 10.53 1.05 0.69
CA PRO C 53 9.30 0.29 0.72
C PRO C 53 9.44 -0.97 1.59
N LEU C 54 8.79 -0.94 2.74
CA LEU C 54 8.77 -2.01 3.72
C LEU C 54 7.34 -2.55 3.91
N MET C 55 7.20 -3.87 4.08
CA MET C 55 5.91 -4.47 4.46
C MET C 55 5.72 -4.15 5.93
N ARG C 56 4.70 -3.36 6.23
CA ARG C 56 4.43 -2.94 7.61
C ARG C 56 2.93 -2.97 7.96
N CYS C 57 2.69 -2.95 9.28
CA CYS C 57 1.37 -3.14 9.83
C CYS C 57 0.72 -1.83 9.60
N GLY C 58 -0.44 -1.88 8.96
CA GLY C 58 -1.32 -0.73 8.84
C GLY C 58 -2.79 -1.13 8.84
N GLY C 59 -3.64 -0.11 8.88
CA GLY C 59 -5.07 -0.34 8.94
C GLY C 59 -5.54 -0.24 10.36
N CYS C 60 -6.82 -0.56 10.53
CA CYS C 60 -7.51 -0.16 11.74
C CYS C 60 -8.05 -1.36 12.42
N CYS C 61 -8.27 -1.22 13.72
CA CYS C 61 -8.85 -2.28 14.54
C CYS C 61 -10.31 -2.07 14.95
N ASN C 62 -10.73 -0.80 14.96
CA ASN C 62 -12.12 -0.44 15.25
C ASN C 62 -12.49 -0.88 16.67
N ASP C 63 -11.73 -0.30 17.59
CA ASP C 63 -11.73 -0.57 19.02
C ASP C 63 -10.57 0.27 19.46
N GLU C 64 -10.80 1.38 20.16
CA GLU C 64 -9.69 2.29 20.60
C GLU C 64 -8.69 1.72 21.64
N GLY C 65 -9.01 0.56 22.21
CA GLY C 65 -8.10 -0.19 23.09
C GLY C 65 -7.38 -1.35 22.40
N LEU C 66 -7.63 -1.51 21.10
CA LEU C 66 -6.85 -2.40 20.27
C LEU C 66 -5.97 -1.56 19.34
N GLU C 67 -4.81 -2.10 18.97
CA GLU C 67 -3.90 -1.49 17.99
C GLU C 67 -3.30 -2.58 17.12
N CYS C 68 -3.01 -2.19 15.88
CA CYS C 68 -2.51 -3.09 14.88
C CYS C 68 -0.99 -3.24 15.05
N VAL C 69 -0.54 -4.44 15.42
CA VAL C 69 0.89 -4.69 15.79
C VAL C 69 1.42 -5.99 15.21
N PRO C 70 2.74 -6.08 15.10
CA PRO C 70 3.28 -7.24 14.43
C PRO C 70 3.43 -8.42 15.38
N THR C 71 3.11 -9.59 14.88
CA THR C 71 3.32 -10.84 15.59
C THR C 71 4.51 -11.61 15.05
N GLU C 72 4.83 -11.41 13.76
CA GLU C 72 5.91 -12.11 13.07
C GLU C 72 6.73 -11.11 12.21
N GLU C 73 8.01 -10.96 12.56
CA GLU C 73 8.90 -9.99 11.92
C GLU C 73 10.00 -10.70 11.13
N SER C 74 10.57 -10.00 10.15
CA SER C 74 11.79 -10.43 9.46
C SER C 74 12.68 -9.21 9.11
N ASN C 75 13.94 -9.47 8.76
CA ASN C 75 14.85 -8.44 8.21
C ASN C 75 14.87 -8.54 6.69
N ILE C 76 15.10 -7.40 6.05
CA ILE C 76 15.42 -7.33 4.64
C ILE C 76 16.65 -6.38 4.53
N THR C 77 17.54 -6.70 3.60
CA THR C 77 18.74 -5.90 3.40
C THR C 77 18.64 -5.20 2.06
N MET C 78 18.86 -3.87 2.09
CA MET C 78 18.85 -3.08 0.85
C MET C 78 20.15 -2.28 0.68
N GLN C 79 20.47 -2.01 -0.58
CA GLN C 79 21.59 -1.13 -0.88
C GLN C 79 21.10 0.33 -1.02
N ILE C 80 21.68 1.17 -0.17
CA ILE C 80 21.28 2.52 -0.04
C ILE C 80 22.50 3.39 -0.30
N MET C 81 22.30 4.44 -1.10
CA MET C 81 23.34 5.46 -1.18
C MET C 81 23.44 6.32 0.06
N ARG C 82 24.62 6.38 0.62
CA ARG C 82 24.95 7.14 1.81
C ARG C 82 25.94 8.26 1.43
N ILE C 83 25.52 9.51 1.59
CA ILE C 83 26.31 10.68 1.29
C ILE C 83 26.67 11.39 2.56
N LYS C 84 27.97 11.57 2.79
CA LYS C 84 28.48 12.42 3.86
C LYS C 84 28.82 13.75 3.18
N PRO C 85 27.98 14.78 3.37
CA PRO C 85 28.04 15.99 2.52
C PRO C 85 29.39 16.67 2.56
N HIS C 86 29.87 17.10 1.41
CA HIS C 86 31.23 17.65 1.25
C HIS C 86 32.42 16.67 1.51
N GLN C 87 32.16 15.35 1.57
CA GLN C 87 33.19 14.31 1.86
C GLN C 87 33.16 13.16 0.87
N GLY C 88 31.99 12.61 0.62
CA GLY C 88 31.87 11.58 -0.39
C GLY C 88 30.60 10.79 -0.30
N GLN C 89 30.48 9.82 -1.19
CA GLN C 89 29.37 8.99 -1.24
C GLN C 89 29.84 7.55 -1.46
N HIS C 90 29.06 6.61 -0.94
CA HIS C 90 29.17 5.23 -1.30
C HIS C 90 27.81 4.57 -1.22
N ILE C 91 27.77 3.29 -1.52
CA ILE C 91 26.57 2.51 -1.38
C ILE C 91 26.81 1.49 -0.28
N GLY C 92 25.90 1.46 0.68
CA GLY C 92 26.02 0.57 1.85
C GLY C 92 24.84 -0.40 1.94
N GLU C 93 25.10 -1.61 2.45
CA GLU C 93 24.03 -2.59 2.68
C GLU C 93 23.41 -2.17 4.01
N MET C 94 22.10 -1.88 3.99
CA MET C 94 21.38 -1.55 5.22
C MET C 94 20.23 -2.52 5.49
N SER C 95 20.06 -2.79 6.78
CA SER C 95 19.05 -3.70 7.25
C SER C 95 17.80 -2.92 7.77
N PHE C 96 16.62 -3.40 7.39
CA PHE C 96 15.35 -2.86 7.91
C PHE C 96 14.42 -3.92 8.54
N LEU C 97 13.53 -3.48 9.43
CA LEU C 97 12.44 -4.37 9.90
C LEU C 97 11.25 -4.46 8.94
N GLN C 98 10.76 -5.67 8.72
CA GLN C 98 9.52 -5.93 7.97
C GLN C 98 8.47 -6.73 8.80
N HIS C 99 7.18 -6.52 8.53
CA HIS C 99 6.13 -7.23 9.26
C HIS C 99 5.48 -8.25 8.34
N ASN C 100 5.62 -9.54 8.69
CA ASN C 100 4.99 -10.65 7.92
C ASN C 100 3.53 -10.97 8.32
N LYS C 101 3.21 -10.79 9.62
CA LYS C 101 1.85 -11.00 10.17
C LYS C 101 1.51 -9.97 11.22
N CYS C 102 0.28 -9.48 11.10
CA CYS C 102 -0.24 -8.43 11.94
C CYS C 102 -1.54 -8.95 12.59
N GLU C 103 -1.70 -8.65 13.86
CA GLU C 103 -2.95 -8.92 14.58
C GLU C 103 -3.30 -7.69 15.39
N CYS C 104 -4.59 -7.56 15.70
CA CYS C 104 -5.08 -6.51 16.58
C CYS C 104 -4.94 -7.03 17.99
N ARG C 105 -4.36 -6.22 18.87
CA ARG C 105 -3.96 -6.67 20.20
C ARG C 105 -4.28 -5.60 21.22
N PRO C 106 -4.56 -6.02 22.47
CA PRO C 106 -4.73 -5.06 23.56
C PRO C 106 -3.52 -4.13 23.74
N LYS C 107 -3.76 -2.84 24.04
CA LYS C 107 -2.70 -1.81 23.91
C LYS C 107 -1.68 -1.65 25.06
N GLU D 1 -23.52 -21.39 24.62
CA GLU D 1 -24.75 -20.81 24.01
C GLU D 1 -25.26 -19.59 24.80
N VAL D 2 -25.42 -18.52 24.06
CA VAL D 2 -25.74 -17.20 24.61
C VAL D 2 -27.24 -17.15 25.01
N GLN D 3 -27.52 -16.68 26.23
CA GLN D 3 -28.89 -16.71 26.77
C GLN D 3 -29.13 -15.59 27.80
N LEU D 4 -30.39 -15.23 27.95
CA LEU D 4 -30.83 -14.26 28.95
C LEU D 4 -32.08 -14.84 29.57
N VAL D 5 -32.21 -14.74 30.89
CA VAL D 5 -33.31 -15.33 31.65
C VAL D 5 -33.73 -14.29 32.66
N GLU D 6 -34.90 -13.73 32.41
CA GLU D 6 -35.54 -12.79 33.30
C GLU D 6 -36.29 -13.50 34.40
N SER D 7 -36.38 -12.86 35.56
CA SER D 7 -37.24 -13.28 36.66
C SER D 7 -37.71 -12.07 37.46
N GLY D 8 -38.72 -12.27 38.30
CA GLY D 8 -39.17 -11.28 39.30
C GLY D 8 -40.54 -10.71 39.06
N GLY D 9 -41.16 -11.07 37.93
CA GLY D 9 -42.46 -10.51 37.61
C GLY D 9 -43.53 -10.99 38.59
N GLY D 10 -44.61 -10.28 38.68
CA GLY D 10 -45.71 -10.77 39.45
C GLY D 10 -46.73 -9.68 39.57
N LEU D 11 -47.67 -9.91 40.48
CA LEU D 11 -48.76 -9.00 40.74
C LEU D 11 -48.24 -7.96 41.74
N VAL D 12 -48.58 -6.71 41.50
CA VAL D 12 -48.19 -5.63 42.37
C VAL D 12 -49.26 -4.54 42.33
N GLN D 13 -49.46 -3.86 43.45
CA GLN D 13 -50.53 -2.88 43.56
C GLN D 13 -50.10 -1.58 42.99
N PRO D 14 -51.08 -0.75 42.58
CA PRO D 14 -50.69 0.57 42.11
C PRO D 14 -49.96 1.35 43.20
N GLY D 15 -48.95 2.11 42.83
CA GLY D 15 -48.04 2.78 43.75
C GLY D 15 -46.90 1.89 44.25
N GLY D 16 -46.98 0.58 44.03
CA GLY D 16 -45.95 -0.30 44.50
C GLY D 16 -44.74 -0.40 43.61
N SER D 17 -43.89 -1.35 44.02
CA SER D 17 -42.51 -1.49 43.60
C SER D 17 -42.24 -2.92 43.31
N LEU D 18 -41.30 -3.15 42.39
CA LEU D 18 -40.94 -4.49 42.00
C LEU D 18 -39.61 -4.40 41.29
N ARG D 19 -38.79 -5.42 41.43
CA ARG D 19 -37.51 -5.48 40.76
C ARG D 19 -37.35 -6.74 39.92
N LEU D 20 -36.85 -6.55 38.72
CA LEU D 20 -36.70 -7.64 37.77
C LEU D 20 -35.24 -7.95 37.60
N SER D 21 -34.92 -9.17 37.21
CA SER D 21 -33.54 -9.61 37.05
C SER D 21 -33.39 -10.24 35.71
N CYS D 22 -32.19 -10.15 35.19
CA CYS D 22 -31.86 -10.74 33.93
C CYS D 22 -30.45 -11.34 33.99
N ALA D 23 -30.38 -12.66 33.95
CA ALA D 23 -29.12 -13.36 34.10
C ALA D 23 -28.66 -13.77 32.75
N ALA D 24 -27.46 -13.39 32.44
CA ALA D 24 -26.79 -13.73 31.20
C ALA D 24 -25.88 -14.95 31.36
N SER D 25 -25.77 -15.75 30.32
CA SER D 25 -24.75 -16.79 30.24
C SER D 25 -24.28 -16.88 28.81
N GLY D 26 -23.03 -17.33 28.69
CA GLY D 26 -22.35 -17.48 27.41
C GLY D 26 -21.75 -16.22 26.86
N PHE D 27 -21.85 -15.11 27.58
CA PHE D 27 -21.10 -13.91 27.21
C PHE D 27 -21.01 -13.10 28.50
N ASN D 28 -20.17 -12.05 28.51
CA ASN D 28 -20.10 -11.15 29.66
C ASN D 28 -20.84 -9.86 29.32
N ILE D 29 -21.75 -9.44 30.20
CA ILE D 29 -22.53 -8.21 29.95
C ILE D 29 -21.67 -6.94 29.96
N LYS D 30 -20.48 -7.07 30.55
CA LYS D 30 -19.42 -6.09 30.49
C LYS D 30 -19.14 -5.54 29.04
N ASP D 31 -19.19 -6.42 28.06
CA ASP D 31 -18.89 -6.06 26.68
C ASP D 31 -20.00 -5.48 25.79
N THR D 32 -21.18 -5.21 26.31
CA THR D 32 -22.28 -4.69 25.49
C THR D 32 -23.29 -3.86 26.22
N TYR D 33 -24.40 -3.63 25.57
CA TYR D 33 -25.48 -2.94 26.17
C TYR D 33 -26.51 -3.94 26.54
N ILE D 34 -27.23 -3.67 27.58
CA ILE D 34 -28.39 -4.48 27.96
C ILE D 34 -29.57 -3.56 28.00
N HIS D 35 -30.67 -4.02 27.42
CA HIS D 35 -31.87 -3.23 27.31
C HIS D 35 -33.00 -3.91 28.03
N TRP D 36 -33.97 -3.15 28.52
CA TRP D 36 -35.31 -3.65 28.82
C TRP D 36 -36.32 -3.08 27.82
N VAL D 37 -37.22 -3.93 27.38
CA VAL D 37 -38.22 -3.63 26.39
C VAL D 37 -39.47 -4.30 26.87
N ARG D 38 -40.60 -3.64 26.73
CA ARG D 38 -41.82 -4.22 27.23
C ARG D 38 -42.92 -4.22 26.21
N GLN D 39 -43.94 -4.98 26.54
CA GLN D 39 -45.03 -5.23 25.66
C GLN D 39 -46.31 -5.39 26.45
N ALA D 40 -47.13 -4.35 26.41
CA ALA D 40 -48.46 -4.44 27.01
C ALA D 40 -49.28 -5.53 26.31
N PRO D 41 -50.25 -6.14 27.01
CA PRO D 41 -51.04 -7.20 26.37
C PRO D 41 -51.76 -6.72 25.09
N GLY D 42 -51.62 -7.52 23.99
CA GLY D 42 -52.06 -7.19 22.63
C GLY D 42 -51.41 -6.03 21.88
N LYS D 43 -50.36 -5.44 22.42
CA LYS D 43 -49.77 -4.23 21.84
C LYS D 43 -48.39 -4.54 21.30
N GLY D 44 -47.69 -3.48 20.86
CA GLY D 44 -46.34 -3.58 20.40
C GLY D 44 -45.23 -3.41 21.43
N LEU D 45 -44.04 -3.22 20.90
CA LEU D 45 -42.84 -3.25 21.67
C LEU D 45 -42.54 -1.81 22.03
N GLU D 46 -42.15 -1.60 23.26
CA GLU D 46 -41.82 -0.28 23.77
C GLU D 46 -40.49 -0.42 24.56
N TRP D 47 -39.47 0.22 24.04
CA TRP D 47 -38.21 0.26 24.69
C TRP D 47 -38.37 1.04 25.98
N VAL D 48 -37.79 0.53 27.08
CA VAL D 48 -37.82 1.27 28.33
C VAL D 48 -36.51 1.77 28.84
N ALA D 49 -35.43 1.03 28.65
CA ALA D 49 -34.17 1.43 29.26
C ALA D 49 -32.96 0.71 28.72
N ARG D 50 -31.80 1.31 28.93
CA ARG D 50 -30.58 0.74 28.46
C ARG D 50 -29.42 1.08 29.38
N ILE D 51 -28.51 0.13 29.55
CA ILE D 51 -27.33 0.31 30.35
C ILE D 51 -26.04 -0.13 29.65
N TYR D 52 -24.97 0.61 29.92
CA TYR D 52 -23.63 0.25 29.49
C TYR D 52 -22.89 -0.20 30.76
N PRO D 53 -22.92 -1.50 31.06
CA PRO D 53 -22.52 -1.97 32.39
C PRO D 53 -21.19 -1.49 33.01
N THR D 54 -20.16 -1.34 32.21
CA THR D 54 -18.85 -0.99 32.72
C THR D 54 -18.82 0.33 33.51
N ASN D 55 -19.26 1.39 32.86
CA ASN D 55 -19.32 2.73 33.45
C ASN D 55 -20.67 3.06 34.07
N GLY D 56 -21.64 2.19 33.85
CA GLY D 56 -22.96 2.36 34.40
C GLY D 56 -23.82 3.44 33.77
N TYR D 57 -23.57 3.77 32.51
CA TYR D 57 -24.34 4.81 31.80
C TYR D 57 -25.75 4.28 31.45
N THR D 58 -26.76 5.10 31.71
CA THR D 58 -28.14 4.71 31.59
C THR D 58 -28.95 5.69 30.76
N ARG D 59 -29.94 5.16 30.08
CA ARG D 59 -30.91 5.96 29.34
C ARG D 59 -32.31 5.35 29.51
N TYR D 60 -33.34 6.18 29.52
CA TYR D 60 -34.69 5.72 29.78
C TYR D 60 -35.65 6.35 28.80
N ALA D 61 -36.72 5.63 28.45
CA ALA D 61 -37.91 6.27 27.84
C ALA D 61 -38.56 7.26 28.83
N ASP D 62 -39.12 8.32 28.26
CA ASP D 62 -39.83 9.34 29.00
C ASP D 62 -40.94 8.79 29.88
N SER D 63 -41.64 7.78 29.38
CA SER D 63 -42.76 7.17 30.12
C SER D 63 -42.38 6.48 31.47
N VAL D 64 -41.10 6.29 31.76
CA VAL D 64 -40.66 5.64 33.02
C VAL D 64 -39.58 6.45 33.74
N LYS D 65 -39.27 7.65 33.21
CA LYS D 65 -38.18 8.45 33.73
C LYS D 65 -38.55 8.90 35.14
N GLY D 66 -37.63 8.73 36.08
CA GLY D 66 -37.87 9.07 37.48
C GLY D 66 -38.61 8.04 38.32
N ARG D 67 -39.07 6.97 37.66
CA ARG D 67 -39.76 5.87 38.32
C ARG D 67 -38.99 4.57 38.22
N PHE D 68 -38.31 4.30 37.10
CA PHE D 68 -37.61 3.05 36.90
C PHE D 68 -36.12 3.31 36.92
N THR D 69 -35.36 2.32 37.32
CA THR D 69 -33.93 2.42 37.37
C THR D 69 -33.34 1.10 36.83
N ILE D 70 -32.39 1.24 35.93
CA ILE D 70 -31.75 0.08 35.33
C ILE D 70 -30.34 0.01 35.89
N SER D 71 -29.85 -1.19 36.13
CA SER D 71 -28.51 -1.41 36.63
C SER D 71 -27.93 -2.76 36.19
N ALA D 72 -26.63 -2.91 36.34
CA ALA D 72 -25.95 -4.17 36.01
C ALA D 72 -24.88 -4.46 37.03
N ASP D 73 -24.82 -5.72 37.44
CA ASP D 73 -23.75 -6.24 38.28
C ASP D 73 -22.90 -7.11 37.40
N THR D 74 -21.73 -6.59 37.01
CA THR D 74 -20.83 -7.34 36.13
C THR D 74 -20.25 -8.60 36.78
N SER D 75 -20.03 -8.61 38.09
CA SER D 75 -19.49 -9.84 38.72
C SER D 75 -20.51 -10.96 38.73
N LYS D 76 -21.79 -10.65 38.95
CA LYS D 76 -22.88 -11.66 38.83
C LYS D 76 -23.39 -11.88 37.40
N ASN D 77 -22.94 -11.08 36.44
CA ASN D 77 -23.39 -11.16 35.05
C ASN D 77 -24.91 -11.05 34.92
N THR D 78 -25.48 -10.13 35.71
CA THR D 78 -26.93 -10.00 35.90
C THR D 78 -27.29 -8.51 35.75
N ALA D 79 -28.40 -8.22 35.08
CA ALA D 79 -28.93 -6.85 34.96
C ALA D 79 -30.24 -6.78 35.69
N TYR D 80 -30.64 -5.57 36.06
CA TYR D 80 -31.84 -5.40 36.86
C TYR D 80 -32.65 -4.21 36.38
N LEU D 81 -33.96 -4.26 36.60
CA LEU D 81 -34.82 -3.12 36.44
C LEU D 81 -35.64 -2.96 37.72
N GLN D 82 -35.39 -1.87 38.40
CA GLN D 82 -36.10 -1.52 39.59
C GLN D 82 -37.25 -0.63 39.17
N MET D 83 -38.45 -1.03 39.45
CA MET D 83 -39.64 -0.32 38.98
C MET D 83 -40.33 0.21 40.23
N ASN D 84 -40.47 1.53 40.34
CA ASN D 84 -41.24 2.14 41.45
C ASN D 84 -42.41 2.87 40.95
N SER D 85 -43.36 3.13 41.85
CA SER D 85 -44.48 4.03 41.58
C SER D 85 -45.31 3.48 40.39
N LEU D 86 -45.62 2.18 40.43
CA LEU D 86 -46.21 1.50 39.27
C LEU D 86 -47.65 1.88 39.06
N ARG D 87 -48.07 1.96 37.81
CA ARG D 87 -49.45 2.28 37.44
C ARG D 87 -49.97 1.12 36.61
N ALA D 88 -51.28 1.07 36.45
CA ALA D 88 -51.89 0.00 35.61
C ALA D 88 -51.30 -0.10 34.20
N GLU D 89 -50.89 1.03 33.63
CA GLU D 89 -50.34 1.12 32.27
C GLU D 89 -48.97 0.46 32.16
N ASP D 90 -48.28 0.29 33.28
CA ASP D 90 -47.02 -0.41 33.29
C ASP D 90 -47.20 -1.93 33.07
N THR D 91 -48.43 -2.42 33.09
CA THR D 91 -48.68 -3.81 32.94
C THR D 91 -48.22 -4.31 31.59
N ALA D 92 -47.40 -5.36 31.59
CA ALA D 92 -46.74 -5.82 30.37
C ALA D 92 -45.82 -6.97 30.66
N VAL D 93 -45.41 -7.61 29.57
CA VAL D 93 -44.33 -8.55 29.60
C VAL D 93 -43.08 -7.72 29.40
N TYR D 94 -42.10 -7.95 30.25
CA TYR D 94 -40.88 -7.22 30.24
C TYR D 94 -39.81 -8.18 29.78
N TYR D 95 -39.09 -7.73 28.74
CA TYR D 95 -37.97 -8.42 28.13
C TYR D 95 -36.65 -7.75 28.43
N CYS D 96 -35.67 -8.61 28.60
CA CYS D 96 -34.29 -8.25 28.69
C CYS D 96 -33.64 -8.53 27.32
N ALA D 97 -32.78 -7.65 26.85
CA ALA D 97 -32.13 -7.88 25.51
C ALA D 97 -30.74 -7.32 25.44
N ARG D 98 -29.88 -7.95 24.70
CA ARG D 98 -28.59 -7.39 24.57
C ARG D 98 -28.33 -6.93 23.18
N GLY D 99 -27.53 -5.91 23.10
CA GLY D 99 -27.08 -5.43 21.83
C GLY D 99 -25.75 -6.11 21.72
N GLY D 100 -25.45 -6.70 20.57
CA GLY D 100 -24.19 -7.38 20.34
C GLY D 100 -22.87 -6.84 20.88
N SER D 101 -22.72 -5.51 20.85
CA SER D 101 -21.57 -4.80 21.38
C SER D 101 -21.87 -3.35 21.51
N PHE D 102 -20.98 -2.71 22.21
CA PHE D 102 -21.05 -1.24 22.29
C PHE D 102 -21.27 -0.57 20.92
N TYR D 103 -20.64 -1.12 19.88
CA TYR D 103 -20.85 -0.64 18.50
C TYR D 103 -22.14 -1.19 17.82
N TYR D 104 -23.03 -1.92 18.55
CA TYR D 104 -24.29 -2.46 18.00
C TYR D 104 -25.54 -1.97 18.74
N TYR D 105 -26.45 -1.37 17.99
CA TYR D 105 -27.60 -0.74 18.51
C TYR D 105 -28.89 -1.52 18.18
N TYR D 106 -28.71 -2.68 17.56
CA TYR D 106 -29.78 -3.65 17.39
C TYR D 106 -29.73 -4.61 18.59
N MET D 107 -30.75 -5.46 18.73
CA MET D 107 -30.86 -6.33 19.88
C MET D 107 -30.93 -7.74 19.37
N ASP D 108 -29.90 -8.50 19.65
CA ASP D 108 -29.77 -9.81 19.01
C ASP D 108 -30.13 -10.98 19.87
N VAL D 109 -30.17 -10.81 21.19
CA VAL D 109 -30.54 -11.90 22.08
C VAL D 109 -31.50 -11.33 23.10
N TRP D 110 -32.66 -11.96 23.21
CA TRP D 110 -33.74 -11.59 24.07
C TRP D 110 -34.00 -12.73 24.99
N GLY D 111 -34.37 -12.44 26.22
CA GLY D 111 -34.83 -13.47 27.16
C GLY D 111 -36.27 -13.85 26.84
N GLN D 112 -36.85 -14.71 27.64
CA GLN D 112 -38.20 -15.20 27.43
C GLN D 112 -39.31 -14.25 27.91
N GLY D 113 -38.99 -13.25 28.74
CA GLY D 113 -39.94 -12.28 29.19
C GLY D 113 -40.58 -12.65 30.54
N THR D 114 -41.00 -11.67 31.28
CA THR D 114 -41.61 -11.88 32.58
C THR D 114 -42.77 -10.90 32.71
N LEU D 115 -43.93 -11.41 33.14
CA LEU D 115 -45.13 -10.65 33.20
C LEU D 115 -45.24 -9.86 34.48
N VAL D 116 -45.62 -8.59 34.32
CA VAL D 116 -45.86 -7.71 35.46
C VAL D 116 -47.30 -7.24 35.37
N THR D 117 -48.08 -7.53 36.39
CA THR D 117 -49.50 -7.15 36.43
C THR D 117 -49.67 -6.15 37.55
N VAL D 118 -50.18 -4.96 37.21
CA VAL D 118 -50.34 -3.91 38.19
C VAL D 118 -51.81 -3.72 38.38
N SER D 119 -52.34 -4.26 39.47
CA SER D 119 -53.75 -4.21 39.75
C SER D 119 -53.97 -4.26 41.25
N SER D 120 -55.10 -3.69 41.69
CA SER D 120 -55.46 -3.80 43.13
C SER D 120 -56.15 -5.13 43.48
N ALA D 121 -56.66 -5.84 42.47
CA ALA D 121 -57.30 -7.15 42.71
C ALA D 121 -56.28 -8.14 43.26
N SER D 122 -56.78 -9.17 43.91
CA SER D 122 -55.90 -10.10 44.63
C SER D 122 -55.91 -11.48 43.99
N THR D 123 -54.84 -12.21 44.30
CA THR D 123 -54.55 -13.53 43.79
C THR D 123 -55.63 -14.52 44.15
N LYS D 124 -56.00 -15.35 43.20
CA LYS D 124 -57.02 -16.38 43.40
C LYS D 124 -56.59 -17.57 42.52
N GLY D 125 -56.39 -18.72 43.15
CA GLY D 125 -56.10 -19.95 42.46
C GLY D 125 -57.31 -20.53 41.72
N PRO D 126 -57.05 -21.22 40.59
CA PRO D 126 -58.14 -21.74 39.80
C PRO D 126 -58.70 -23.03 40.41
N SER D 127 -59.92 -23.36 40.03
CA SER D 127 -60.43 -24.72 40.08
C SER D 127 -60.21 -25.32 38.70
N VAL D 128 -60.01 -26.62 38.65
CA VAL D 128 -59.74 -27.32 37.41
C VAL D 128 -60.81 -28.39 37.28
N PHE D 129 -61.57 -28.38 36.20
CA PHE D 129 -62.65 -29.35 35.98
C PHE D 129 -62.37 -30.10 34.70
N PRO D 130 -62.65 -31.41 34.62
CA PRO D 130 -62.49 -32.12 33.33
C PRO D 130 -63.54 -31.78 32.24
N LEU D 131 -63.12 -31.94 30.99
CA LEU D 131 -64.00 -31.84 29.84
C LEU D 131 -63.87 -33.21 29.23
N ALA D 132 -64.88 -34.00 29.50
CA ALA D 132 -64.89 -35.40 29.16
C ALA D 132 -65.69 -35.62 27.91
N PRO D 133 -65.17 -36.47 27.02
CA PRO D 133 -65.96 -36.77 25.80
C PRO D 133 -67.41 -37.17 26.11
N SER D 134 -68.35 -36.54 25.41
CA SER D 134 -69.81 -36.87 25.46
C SER D 134 -70.07 -38.39 25.34
N SER D 135 -69.41 -38.97 24.34
CA SER D 135 -69.64 -40.36 23.92
C SER D 135 -68.67 -41.32 24.66
N LYS D 136 -67.47 -41.58 24.10
CA LYS D 136 -66.62 -42.81 24.32
C LYS D 136 -66.38 -43.64 23.00
N SER D 137 -67.44 -43.74 22.17
CA SER D 137 -67.38 -44.24 20.76
C SER D 137 -67.65 -43.10 19.79
N THR D 138 -67.00 -43.13 18.63
CA THR D 138 -67.03 -42.01 17.67
C THR D 138 -67.23 -42.44 16.21
N SER D 139 -67.53 -41.44 15.39
CA SER D 139 -67.58 -41.59 13.94
C SER D 139 -66.18 -41.47 13.30
N GLY D 140 -65.36 -40.52 13.80
CA GLY D 140 -64.06 -40.20 13.18
C GLY D 140 -62.83 -40.90 13.78
N GLY D 141 -63.03 -41.75 14.77
CA GLY D 141 -61.92 -42.43 15.44
C GLY D 141 -61.14 -41.55 16.40
N THR D 142 -61.61 -40.30 16.58
CA THR D 142 -60.88 -39.28 17.31
C THR D 142 -61.76 -38.63 18.37
N ALA D 143 -61.22 -38.53 19.59
CA ALA D 143 -61.96 -37.95 20.70
C ALA D 143 -61.26 -36.70 21.14
N ALA D 144 -62.02 -35.73 21.60
CA ALA D 144 -61.46 -34.53 22.21
C ALA D 144 -61.66 -34.68 23.68
N LEU D 145 -60.69 -34.21 24.45
CA LEU D 145 -60.89 -34.00 25.87
C LEU D 145 -60.06 -32.84 26.36
N GLY D 146 -60.33 -32.40 27.57
CA GLY D 146 -59.73 -31.23 28.08
C GLY D 146 -59.93 -30.97 29.55
N CYS D 147 -59.50 -29.78 29.95
CA CYS D 147 -59.58 -29.27 31.28
C CYS D 147 -60.00 -27.84 31.18
N LEU D 148 -61.00 -27.49 31.95
CA LEU D 148 -61.43 -26.15 32.10
C LEU D 148 -60.75 -25.61 33.37
N VAL D 149 -59.95 -24.57 33.22
CA VAL D 149 -59.22 -23.94 34.32
C VAL D 149 -59.96 -22.65 34.64
N LYS D 150 -60.76 -22.67 35.69
CA LYS D 150 -61.70 -21.57 35.95
C LYS D 150 -61.40 -20.68 37.18
N ASP D 151 -61.64 -19.39 37.00
CA ASP D 151 -61.64 -18.37 38.09
C ASP D 151 -60.29 -18.11 38.76
N TYR D 152 -59.38 -17.42 38.07
CA TYR D 152 -58.07 -17.17 38.64
C TYR D 152 -57.61 -15.77 38.36
N PHE D 153 -56.59 -15.38 39.13
CA PHE D 153 -55.98 -14.07 39.04
C PHE D 153 -54.64 -14.07 39.73
N PRO D 154 -53.65 -13.35 39.19
CA PRO D 154 -53.58 -12.77 37.88
C PRO D 154 -53.21 -13.87 36.87
N GLU D 155 -52.92 -13.50 35.62
CA GLU D 155 -52.29 -14.41 34.67
C GLU D 155 -50.84 -14.62 35.09
N PRO D 156 -50.19 -15.67 34.61
CA PRO D 156 -50.65 -16.68 33.69
C PRO D 156 -50.84 -18.02 34.39
N VAL D 157 -51.49 -18.92 33.66
CA VAL D 157 -51.51 -20.33 33.95
C VAL D 157 -50.76 -21.04 32.83
N THR D 158 -50.07 -22.13 33.16
CA THR D 158 -49.52 -23.06 32.17
C THR D 158 -50.31 -24.38 32.28
N VAL D 159 -50.48 -25.07 31.17
CA VAL D 159 -51.08 -26.35 31.16
C VAL D 159 -50.20 -27.30 30.35
N SER D 160 -49.98 -28.53 30.84
CA SER D 160 -49.36 -29.57 30.06
C SER D 160 -50.23 -30.79 30.14
N TRP D 161 -49.97 -31.76 29.29
CA TRP D 161 -50.73 -33.00 29.26
C TRP D 161 -49.72 -34.11 29.45
N ASN D 162 -49.99 -35.01 30.39
CA ASN D 162 -49.14 -36.16 30.67
C ASN D 162 -47.66 -35.77 30.90
N SER D 163 -47.49 -34.77 31.76
CA SER D 163 -46.20 -34.29 32.26
C SER D 163 -45.32 -33.80 31.09
N GLY D 164 -45.96 -33.32 30.02
CA GLY D 164 -45.25 -32.76 28.91
C GLY D 164 -44.99 -33.71 27.79
N ALA D 165 -45.27 -35.00 27.97
CA ALA D 165 -44.98 -36.00 26.95
C ALA D 165 -46.01 -36.04 25.86
N LEU D 166 -47.17 -35.43 26.09
CA LEU D 166 -48.23 -35.34 25.06
C LEU D 166 -48.33 -33.87 24.64
N THR D 167 -47.93 -33.61 23.41
CA THR D 167 -47.91 -32.26 22.85
C THR D 167 -48.65 -32.21 21.57
N SER D 168 -48.54 -33.28 20.77
CA SER D 168 -49.24 -33.32 19.48
C SER D 168 -50.77 -33.20 19.66
N GLY D 169 -51.34 -32.16 19.03
CA GLY D 169 -52.78 -31.91 19.07
C GLY D 169 -53.31 -31.14 20.28
N VAL D 170 -52.43 -30.69 21.16
CA VAL D 170 -52.83 -29.87 22.30
C VAL D 170 -53.11 -28.42 21.84
N HIS D 171 -54.23 -27.85 22.26
CA HIS D 171 -54.49 -26.41 22.14
C HIS D 171 -54.91 -25.87 23.49
N THR D 172 -54.05 -25.08 24.09
CA THR D 172 -54.41 -24.34 25.27
C THR D 172 -54.88 -22.97 24.81
N PHE D 173 -56.13 -22.63 25.06
CA PHE D 173 -56.72 -21.37 24.68
C PHE D 173 -56.18 -20.19 25.49
N PRO D 174 -56.16 -18.99 24.87
CA PRO D 174 -55.92 -17.77 25.61
C PRO D 174 -57.07 -17.55 26.56
N ALA D 175 -56.70 -17.15 27.76
CA ALA D 175 -57.61 -16.89 28.82
C ALA D 175 -58.54 -15.79 28.43
N VAL D 176 -59.77 -15.86 28.93
CA VAL D 176 -60.74 -14.77 28.76
C VAL D 176 -61.00 -14.19 30.13
N LEU D 177 -61.29 -12.90 30.12
CA LEU D 177 -61.56 -12.19 31.33
C LEU D 177 -63.06 -12.25 31.54
N GLN D 178 -63.50 -12.89 32.61
CA GLN D 178 -64.95 -13.03 32.94
C GLN D 178 -65.49 -11.77 33.63
N SER D 179 -66.83 -11.62 33.62
CA SER D 179 -67.61 -10.52 34.31
C SER D 179 -67.11 -10.23 35.72
N SER D 180 -66.77 -11.29 36.41
CA SER D 180 -66.20 -11.25 37.73
C SER D 180 -64.83 -10.57 37.92
N GLY D 181 -64.10 -10.30 36.83
CA GLY D 181 -62.71 -9.82 36.94
C GLY D 181 -61.69 -10.94 37.17
N LEU D 182 -62.11 -12.18 36.96
CA LEU D 182 -61.24 -13.35 37.06
C LEU D 182 -61.10 -13.98 35.67
N TYR D 183 -59.95 -14.63 35.44
CA TYR D 183 -59.66 -15.30 34.18
C TYR D 183 -60.13 -16.73 34.19
N SER D 184 -60.29 -17.30 33.02
CA SER D 184 -60.67 -18.67 32.84
C SER D 184 -60.16 -19.13 31.48
N LEU D 185 -59.67 -20.37 31.38
CA LEU D 185 -59.30 -20.97 30.09
C LEU D 185 -59.61 -22.44 29.99
N SER D 186 -59.43 -22.98 28.81
CA SER D 186 -59.50 -24.41 28.57
C SER D 186 -58.30 -24.88 27.80
N SER D 187 -57.89 -26.12 28.06
CA SER D 187 -56.89 -26.79 27.27
C SER D 187 -57.53 -28.06 26.79
N VAL D 188 -57.32 -28.38 25.53
CA VAL D 188 -57.93 -29.55 24.92
C VAL D 188 -56.87 -30.30 24.16
N VAL D 189 -57.16 -31.54 23.83
CA VAL D 189 -56.23 -32.39 23.11
C VAL D 189 -57.10 -33.43 22.43
N THR D 190 -56.73 -33.84 21.24
CA THR D 190 -57.48 -34.84 20.52
C THR D 190 -56.66 -36.09 20.56
N VAL D 191 -57.34 -37.21 20.70
CA VAL D 191 -56.67 -38.49 20.93
C VAL D 191 -57.43 -39.60 20.21
N PRO D 192 -56.79 -40.76 20.03
CA PRO D 192 -57.53 -41.86 19.38
C PRO D 192 -58.58 -42.34 20.36
N SER D 193 -59.84 -42.31 19.95
CA SER D 193 -60.91 -42.81 20.87
C SER D 193 -60.70 -44.27 21.30
N SER D 194 -60.09 -45.08 20.43
CA SER D 194 -59.75 -46.48 20.73
C SER D 194 -58.85 -46.64 21.95
N SER D 195 -58.05 -45.62 22.23
CA SER D 195 -57.18 -45.63 23.42
C SER D 195 -57.87 -45.33 24.72
N LEU D 196 -59.04 -44.70 24.72
CA LEU D 196 -59.73 -44.48 25.98
C LEU D 196 -59.98 -45.86 26.60
N GLY D 197 -60.12 -45.91 27.89
CA GLY D 197 -60.33 -47.24 28.49
C GLY D 197 -59.06 -47.99 28.84
N THR D 198 -58.00 -47.84 28.04
CA THR D 198 -56.63 -48.32 28.36
C THR D 198 -55.53 -47.25 28.59
N GLN D 199 -55.65 -46.07 27.99
CA GLN D 199 -54.66 -45.00 28.14
C GLN D 199 -55.25 -43.89 28.99
N THR D 200 -54.48 -43.35 29.92
CA THR D 200 -54.99 -42.25 30.73
C THR D 200 -54.40 -40.88 30.37
N TYR D 201 -55.21 -39.84 30.54
CA TYR D 201 -54.89 -38.51 30.12
C TYR D 201 -55.02 -37.61 31.32
N ILE D 202 -53.90 -36.98 31.69
CA ILE D 202 -53.85 -36.13 32.85
C ILE D 202 -53.47 -34.77 32.39
N CYS D 203 -54.13 -33.76 32.91
CA CYS D 203 -53.69 -32.42 32.68
C CYS D 203 -53.05 -31.86 33.92
N ASN D 204 -51.93 -31.19 33.71
CA ASN D 204 -51.06 -30.68 34.73
C ASN D 204 -51.20 -29.20 34.61
N VAL D 205 -51.71 -28.58 35.65
CA VAL D 205 -52.00 -27.18 35.67
C VAL D 205 -51.11 -26.53 36.70
N ASN D 206 -50.61 -25.35 36.36
CA ASN D 206 -49.77 -24.63 37.25
C ASN D 206 -50.11 -23.16 37.20
N HIS D 207 -50.43 -22.60 38.35
CA HIS D 207 -50.66 -21.18 38.54
C HIS D 207 -49.68 -20.79 39.64
N LYS D 208 -48.48 -20.39 39.23
CA LYS D 208 -47.46 -20.01 40.18
C LYS D 208 -47.86 -18.85 41.12
N PRO D 209 -48.66 -17.88 40.64
CA PRO D 209 -48.99 -16.74 41.51
C PRO D 209 -49.67 -17.11 42.79
N SER D 210 -50.42 -18.21 42.80
CA SER D 210 -51.12 -18.70 43.99
C SER D 210 -50.60 -20.06 44.47
N ASN D 211 -49.39 -20.45 44.03
CA ASN D 211 -48.79 -21.78 44.28
C ASN D 211 -49.72 -22.99 44.09
N THR D 212 -50.60 -22.91 43.11
CA THR D 212 -51.51 -24.00 42.76
C THR D 212 -50.81 -24.91 41.77
N LYS D 213 -50.74 -26.20 42.06
CA LYS D 213 -50.19 -27.16 41.11
C LYS D 213 -51.05 -28.42 41.16
N VAL D 214 -51.97 -28.55 40.20
CA VAL D 214 -52.96 -29.61 40.18
C VAL D 214 -52.80 -30.49 38.96
N ASP D 215 -53.00 -31.79 39.15
CA ASP D 215 -53.16 -32.78 38.10
C ASP D 215 -54.65 -33.21 38.13
N LYS D 216 -55.24 -33.41 36.96
CA LYS D 216 -56.60 -33.82 36.87
C LYS D 216 -56.71 -34.87 35.79
N LYS D 217 -57.20 -36.04 36.18
CA LYS D 217 -57.52 -37.12 35.24
C LYS D 217 -58.83 -36.79 34.52
N VAL D 218 -58.86 -37.03 33.21
CA VAL D 218 -60.00 -36.69 32.37
C VAL D 218 -60.36 -37.99 31.72
N GLU D 219 -61.50 -38.57 32.10
CA GLU D 219 -62.00 -39.81 31.46
C GLU D 219 -63.47 -39.67 31.12
N PRO D 220 -63.98 -40.46 30.17
CA PRO D 220 -65.43 -40.45 29.90
C PRO D 220 -66.20 -40.99 31.11
N LYS D 221 -67.46 -40.61 31.33
CA LYS D 221 -68.20 -41.06 32.58
C LYS D 221 -69.09 -42.27 32.33
N ASP E 1 -36.23 12.14 18.59
CA ASP E 1 -37.41 11.19 18.67
C ASP E 1 -37.98 10.89 17.28
N ILE E 2 -37.57 9.74 16.76
CA ILE E 2 -38.00 9.22 15.46
C ILE E 2 -39.07 8.16 15.63
N GLN E 3 -40.20 8.33 14.97
CA GLN E 3 -41.29 7.37 14.96
C GLN E 3 -41.08 6.57 13.71
N MET E 4 -41.43 5.31 13.76
CA MET E 4 -41.40 4.48 12.57
C MET E 4 -42.82 4.06 12.29
N THR E 5 -43.22 4.26 11.04
CA THR E 5 -44.55 3.88 10.57
C THR E 5 -44.41 2.64 9.71
N GLN E 6 -44.99 1.56 10.15
CA GLN E 6 -44.81 0.28 9.53
C GLN E 6 -46.07 0.00 8.75
N SER E 7 -45.95 -0.69 7.63
CA SER E 7 -47.14 -1.05 6.91
C SER E 7 -46.90 -2.32 6.17
N PRO E 8 -47.94 -3.09 5.86
CA PRO E 8 -49.31 -2.90 6.33
C PRO E 8 -49.42 -3.30 7.79
N SER E 9 -50.53 -2.96 8.38
CA SER E 9 -50.82 -3.37 9.72
C SER E 9 -51.14 -4.89 9.79
N SER E 10 -51.79 -5.44 8.79
CA SER E 10 -51.89 -6.88 8.69
C SER E 10 -52.04 -7.37 7.24
N LEU E 11 -51.73 -8.62 7.02
CA LEU E 11 -51.90 -9.19 5.70
C LEU E 11 -52.05 -10.65 5.78
N SER E 12 -52.56 -11.17 4.67
CA SER E 12 -52.85 -12.58 4.52
C SER E 12 -52.20 -13.00 3.20
N ALA E 13 -51.25 -13.92 3.27
CA ALA E 13 -50.55 -14.38 2.09
C ALA E 13 -50.36 -15.86 2.11
N SER E 14 -50.17 -16.43 0.93
CA SER E 14 -50.04 -17.87 0.76
C SER E 14 -48.62 -18.40 0.83
N VAL E 15 -48.53 -19.71 1.15
CA VAL E 15 -47.25 -20.36 1.22
C VAL E 15 -46.57 -20.22 -0.12
N GLY E 16 -45.33 -19.78 -0.13
CA GLY E 16 -44.55 -19.58 -1.33
C GLY E 16 -44.49 -18.17 -1.92
N ASP E 17 -45.44 -17.33 -1.53
CA ASP E 17 -45.53 -15.95 -1.94
C ASP E 17 -44.35 -15.17 -1.47
N ARG E 18 -44.02 -14.14 -2.23
CA ARG E 18 -43.06 -13.13 -1.85
CA ARG E 18 -43.05 -13.12 -1.85
C ARG E 18 -43.82 -12.06 -1.06
N VAL E 19 -43.43 -11.83 0.18
CA VAL E 19 -44.16 -10.91 1.03
C VAL E 19 -43.27 -9.73 1.32
N THR E 20 -43.81 -8.53 1.18
CA THR E 20 -43.09 -7.31 1.40
C THR E 20 -43.72 -6.38 2.47
N ILE E 21 -42.90 -5.99 3.45
CA ILE E 21 -43.33 -5.20 4.60
C ILE E 21 -42.47 -3.95 4.66
N THR E 22 -43.06 -2.85 5.02
CA THR E 22 -42.45 -1.57 4.85
C THR E 22 -42.39 -0.78 6.15
N CYS E 23 -41.37 0.03 6.31
CA CYS E 23 -41.16 0.84 7.50
C CYS E 23 -40.76 2.22 6.97
N ARG E 24 -41.24 3.29 7.58
CA ARG E 24 -40.87 4.69 7.24
C ARG E 24 -40.53 5.54 8.51
N ALA E 25 -39.39 6.20 8.49
CA ALA E 25 -38.99 7.09 9.53
C ALA E 25 -39.71 8.42 9.43
N SER E 26 -40.07 8.97 10.56
CA SER E 26 -40.83 10.21 10.63
C SER E 26 -39.99 11.45 10.31
N GLN E 27 -38.68 11.35 10.51
CA GLN E 27 -37.76 12.43 10.30
C GLN E 27 -37.12 12.32 8.88
N ASP E 28 -36.82 13.48 8.30
CA ASP E 28 -36.31 13.53 6.94
C ASP E 28 -34.83 13.19 6.98
N ILE E 29 -34.47 12.08 6.35
CA ILE E 29 -33.11 11.55 6.39
C ILE E 29 -32.80 11.34 4.92
N PRO E 30 -31.62 11.77 4.45
CA PRO E 30 -31.31 11.68 3.02
C PRO E 30 -31.00 10.29 2.57
N ARG E 31 -31.10 10.07 1.25
CA ARG E 31 -30.87 8.76 0.64
C ARG E 31 -29.42 8.27 0.65
N SER E 32 -28.48 9.16 0.96
CA SER E 32 -27.09 8.75 1.19
C SER E 32 -26.99 7.90 2.46
N ILE E 33 -27.99 8.02 3.34
CA ILE E 33 -27.95 7.33 4.63
C ILE E 33 -28.79 6.08 4.60
N SER E 34 -28.24 5.03 5.18
CA SER E 34 -28.85 3.70 5.20
C SER E 34 -28.50 2.97 6.49
N GLY E 35 -28.83 1.68 6.59
CA GLY E 35 -28.33 0.82 7.67
C GLY E 35 -28.65 1.08 9.15
N TYR E 36 -29.77 1.76 9.40
CA TYR E 36 -30.13 2.15 10.75
C TYR E 36 -31.36 1.43 11.32
N VAL E 37 -31.82 0.39 10.64
CA VAL E 37 -33.03 -0.32 10.94
C VAL E 37 -32.73 -1.83 11.14
N ALA E 38 -33.38 -2.43 12.15
CA ALA E 38 -33.38 -3.87 12.34
C ALA E 38 -34.80 -4.38 12.22
N TRP E 39 -34.96 -5.63 11.84
CA TRP E 39 -36.26 -6.26 11.74
C TRP E 39 -36.30 -7.48 12.64
N TYR E 40 -37.43 -7.63 13.36
CA TYR E 40 -37.68 -8.72 14.27
C TYR E 40 -38.97 -9.49 13.94
N GLN E 41 -38.96 -10.76 14.27
CA GLN E 41 -40.10 -11.65 14.16
C GLN E 41 -40.50 -12.06 15.59
N GLN E 42 -41.78 -11.92 15.89
CA GLN E 42 -42.32 -12.41 17.13
C GLN E 42 -43.50 -13.36 16.90
N LYS E 43 -43.29 -14.61 17.31
CA LYS E 43 -44.33 -15.64 17.38
C LYS E 43 -45.12 -15.56 18.69
N PRO E 44 -46.34 -16.09 18.73
CA PRO E 44 -47.14 -15.93 19.96
C PRO E 44 -46.48 -16.49 21.23
N GLY E 45 -46.51 -15.68 22.30
CA GLY E 45 -45.93 -16.04 23.60
C GLY E 45 -44.42 -16.24 23.59
N LYS E 46 -43.72 -15.62 22.65
CA LYS E 46 -42.30 -15.80 22.49
C LYS E 46 -41.69 -14.43 22.47
N ALA E 47 -40.41 -14.41 22.69
CA ALA E 47 -39.66 -13.20 22.57
C ALA E 47 -39.44 -12.82 21.11
N PRO E 48 -39.21 -11.54 20.85
CA PRO E 48 -38.79 -11.22 19.49
C PRO E 48 -37.44 -11.85 19.14
N LYS E 49 -37.23 -12.05 17.85
CA LYS E 49 -36.05 -12.64 17.33
C LYS E 49 -35.52 -11.79 16.15
N LEU E 50 -34.24 -11.48 16.17
CA LEU E 50 -33.63 -10.67 15.14
C LEU E 50 -33.55 -11.41 13.81
N LEU E 51 -33.98 -10.76 12.74
CA LEU E 51 -33.88 -11.29 11.40
C LEU E 51 -32.82 -10.58 10.57
N ILE E 52 -32.88 -9.25 10.56
CA ILE E 52 -32.09 -8.43 9.69
C ILE E 52 -31.56 -7.28 10.53
N TYR E 53 -30.30 -6.92 10.33
CA TYR E 53 -29.70 -5.82 11.04
C TYR E 53 -28.95 -4.95 10.06
N TRP E 54 -28.64 -3.73 10.50
CA TRP E 54 -28.06 -2.71 9.67
C TRP E 54 -28.72 -2.56 8.31
N GLY E 55 -30.04 -2.62 8.30
CA GLY E 55 -30.85 -2.47 7.07
C GLY E 55 -30.99 -3.66 6.14
N SER E 56 -29.88 -4.36 5.89
CA SER E 56 -29.84 -5.39 4.86
C SER E 56 -29.03 -6.66 5.18
N TYR E 57 -28.49 -6.81 6.39
CA TYR E 57 -27.64 -7.96 6.72
C TYR E 57 -28.43 -9.03 7.43
N LEU E 58 -28.25 -10.25 6.96
CA LEU E 58 -28.97 -11.40 7.44
C LEU E 58 -28.30 -11.89 8.68
N TYR E 59 -29.04 -11.98 9.79
CA TYR E 59 -28.46 -12.41 11.04
C TYR E 59 -28.17 -13.89 10.97
N SER E 60 -27.04 -14.24 11.59
CA SER E 60 -26.60 -15.61 11.83
C SER E 60 -27.74 -16.60 12.15
N GLY E 61 -27.97 -17.56 11.24
CA GLY E 61 -28.93 -18.61 11.48
C GLY E 61 -30.31 -18.38 10.89
N VAL E 62 -30.56 -17.18 10.43
CA VAL E 62 -31.89 -16.85 9.90
C VAL E 62 -31.96 -17.40 8.49
N PRO E 63 -33.09 -18.01 8.12
CA PRO E 63 -33.20 -18.51 6.72
C PRO E 63 -33.03 -17.44 5.64
N SER E 64 -32.43 -17.81 4.52
CA SER E 64 -32.06 -16.87 3.49
C SER E 64 -33.26 -16.32 2.69
N ARG E 65 -34.44 -16.93 2.83
CA ARG E 65 -35.67 -16.28 2.32
C ARG E 65 -35.97 -14.84 2.89
N PHE E 66 -35.38 -14.50 4.02
CA PHE E 66 -35.48 -13.19 4.58
C PHE E 66 -34.40 -12.27 4.03
N SER E 67 -34.79 -11.09 3.63
CA SER E 67 -33.85 -10.02 3.32
C SER E 67 -34.44 -8.66 3.59
N GLY E 68 -33.59 -7.65 3.53
CA GLY E 68 -34.02 -6.32 3.74
C GLY E 68 -33.25 -5.31 2.93
N SER E 69 -33.84 -4.14 2.75
CA SER E 69 -33.14 -3.06 2.07
C SER E 69 -33.71 -1.72 2.48
N GLY E 70 -33.05 -0.65 2.06
CA GLY E 70 -33.59 0.67 2.24
C GLY E 70 -32.56 1.73 2.45
N SER E 71 -33.03 2.95 2.32
CA SER E 71 -32.19 4.13 2.46
C SER E 71 -33.11 5.30 2.64
N GLY E 72 -32.54 6.42 3.09
CA GLY E 72 -33.36 7.56 3.41
C GLY E 72 -34.31 7.20 4.54
N THR E 73 -35.60 7.38 4.30
CA THR E 73 -36.61 7.16 5.30
C THR E 73 -37.24 5.80 5.15
N ASP E 74 -36.93 5.09 4.07
CA ASP E 74 -37.79 3.98 3.63
C ASP E 74 -37.07 2.64 3.68
N PHE E 75 -37.61 1.71 4.44
CA PHE E 75 -37.00 0.36 4.56
C PHE E 75 -37.98 -0.74 4.26
N THR E 76 -37.46 -1.83 3.73
CA THR E 76 -38.30 -2.95 3.35
C THR E 76 -37.76 -4.28 3.90
N LEU E 77 -38.64 -5.10 4.43
CA LEU E 77 -38.32 -6.51 4.76
C LEU E 77 -39.04 -7.37 3.76
N THR E 78 -38.32 -8.31 3.19
CA THR E 78 -38.91 -9.18 2.19
C THR E 78 -38.75 -10.61 2.59
N ILE E 79 -39.84 -11.36 2.48
CA ILE E 79 -39.85 -12.79 2.62
C ILE E 79 -40.09 -13.37 1.21
N SER E 80 -39.05 -13.89 0.62
CA SER E 80 -39.08 -14.33 -0.76
C SER E 80 -39.94 -15.54 -0.98
N SER E 81 -40.09 -16.40 0.00
CA SER E 81 -40.95 -17.56 -0.14
C SER E 81 -41.61 -17.97 1.18
N LEU E 82 -42.83 -17.48 1.38
CA LEU E 82 -43.43 -17.48 2.69
C LEU E 82 -43.69 -18.93 3.15
N GLN E 83 -43.35 -19.26 4.39
CA GLN E 83 -43.55 -20.63 4.91
C GLN E 83 -44.57 -20.58 6.03
N PRO E 84 -45.27 -21.68 6.29
CA PRO E 84 -46.21 -21.75 7.42
C PRO E 84 -45.68 -21.30 8.77
N GLU E 85 -44.42 -21.57 9.02
CA GLU E 85 -43.78 -21.18 10.25
C GLU E 85 -43.50 -19.68 10.32
N ASP E 86 -43.64 -18.95 9.21
CA ASP E 86 -43.50 -17.50 9.19
C ASP E 86 -44.67 -16.65 9.76
N PHE E 87 -45.77 -17.31 10.15
CA PHE E 87 -46.82 -16.68 10.92
C PHE E 87 -46.23 -16.04 12.17
N ALA E 88 -46.50 -14.75 12.34
CA ALA E 88 -45.86 -13.93 13.33
C ALA E 88 -46.29 -12.47 13.15
N THR E 89 -45.89 -11.66 14.12
CA THR E 89 -45.87 -10.27 13.97
C THR E 89 -44.42 -9.82 13.74
N TYR E 90 -44.22 -8.89 12.76
CA TYR E 90 -42.93 -8.44 12.36
C TYR E 90 -42.83 -7.01 12.79
N TYR E 91 -41.71 -6.66 13.40
CA TYR E 91 -41.48 -5.32 13.92
C TYR E 91 -40.20 -4.77 13.32
N CYS E 92 -40.21 -3.52 12.87
CA CYS E 92 -38.94 -2.82 12.59
C CYS E 92 -38.58 -2.00 13.80
N GLN E 93 -37.30 -1.63 13.85
CA GLN E 93 -36.72 -0.81 14.89
C GLN E 93 -35.73 0.11 14.23
N GLN E 94 -35.69 1.37 14.65
CA GLN E 94 -34.63 2.24 14.26
C GLN E 94 -33.68 2.45 15.38
N HIS E 95 -32.42 2.56 15.01
CA HIS E 95 -31.39 2.95 15.97
C HIS E 95 -30.50 3.99 15.36
N TYR E 96 -31.09 4.86 14.58
CA TYR E 96 -30.42 6.08 14.14
C TYR E 96 -30.14 6.93 15.38
N THR E 97 -31.08 6.92 16.31
CA THR E 97 -31.03 7.72 17.51
C THR E 97 -31.53 6.90 18.71
N THR E 98 -31.36 7.46 19.89
CA THR E 98 -31.87 6.92 21.12
C THR E 98 -32.81 7.96 21.61
N PRO E 99 -34.01 7.60 22.09
CA PRO E 99 -34.56 6.24 22.31
C PRO E 99 -34.71 5.44 21.02
N PRO E 100 -34.25 4.19 20.98
CA PRO E 100 -34.64 3.37 19.86
C PRO E 100 -36.14 3.17 19.89
N THR E 101 -36.75 3.11 18.72
CA THR E 101 -38.22 2.97 18.61
C THR E 101 -38.58 1.90 17.57
N PHE E 102 -39.76 1.34 17.77
CA PHE E 102 -40.25 0.18 17.01
C PHE E 102 -41.44 0.65 16.26
N GLY E 103 -41.63 0.14 15.06
CA GLY E 103 -42.91 0.27 14.39
C GLY E 103 -43.95 -0.52 15.16
N GLN E 104 -45.21 -0.35 14.76
CA GLN E 104 -46.37 -0.82 15.45
C GLN E 104 -46.59 -2.29 15.16
N GLY E 105 -45.97 -2.77 14.11
CA GLY E 105 -45.99 -4.17 13.80
C GLY E 105 -46.81 -4.49 12.59
N THR E 106 -46.58 -5.66 12.02
CA THR E 106 -47.36 -6.15 10.91
C THR E 106 -47.69 -7.57 11.22
N LYS E 107 -48.97 -7.94 11.24
CA LYS E 107 -49.38 -9.33 11.49
C LYS E 107 -49.50 -10.07 10.19
N VAL E 108 -48.68 -11.07 10.01
CA VAL E 108 -48.70 -11.88 8.82
C VAL E 108 -49.51 -13.11 9.16
N GLU E 109 -50.65 -13.32 8.51
CA GLU E 109 -51.34 -14.59 8.57
C GLU E 109 -51.12 -15.44 7.29
N ILE E 110 -51.00 -16.73 7.46
CA ILE E 110 -50.78 -17.60 6.34
C ILE E 110 -52.12 -17.95 5.78
N LYS E 111 -52.39 -17.62 4.52
CA LYS E 111 -53.58 -18.09 3.80
C LYS E 111 -53.42 -19.52 3.21
N ARG E 112 -54.31 -20.42 3.62
CA ARG E 112 -54.21 -21.85 3.26
C ARG E 112 -55.51 -22.32 2.68
N THR E 113 -55.54 -23.60 2.30
CA THR E 113 -56.78 -24.19 1.75
C THR E 113 -57.82 -24.20 2.84
N VAL E 114 -59.09 -24.15 2.45
CA VAL E 114 -60.08 -24.20 3.49
C VAL E 114 -60.10 -25.61 4.12
N ALA E 115 -60.31 -25.61 5.44
CA ALA E 115 -60.51 -26.84 6.21
C ALA E 115 -61.66 -26.62 7.19
N ALA E 116 -62.68 -27.45 7.08
CA ALA E 116 -63.82 -27.43 8.02
C ALA E 116 -63.35 -27.85 9.43
N PRO E 117 -63.98 -27.27 10.45
CA PRO E 117 -63.70 -27.67 11.82
C PRO E 117 -64.27 -29.04 12.18
N SER E 118 -63.52 -29.81 12.97
CA SER E 118 -64.06 -30.96 13.68
C SER E 118 -64.66 -30.39 15.00
N VAL E 119 -65.93 -30.67 15.22
CA VAL E 119 -66.69 -30.11 16.34
C VAL E 119 -66.96 -31.15 17.45
N PHE E 120 -66.87 -30.68 18.68
CA PHE E 120 -67.01 -31.52 19.84
C PHE E 120 -67.73 -30.74 20.93
N ILE E 121 -68.55 -31.43 21.73
CA ILE E 121 -69.29 -30.77 22.81
C ILE E 121 -69.00 -31.50 24.13
N PHE E 122 -68.90 -30.72 25.20
CA PHE E 122 -68.57 -31.25 26.51
C PHE E 122 -69.63 -30.85 27.51
N PRO E 123 -70.26 -31.84 28.18
CA PRO E 123 -71.09 -31.50 29.33
C PRO E 123 -70.26 -31.01 30.48
N PRO E 124 -70.89 -30.27 31.42
CA PRO E 124 -70.18 -29.87 32.65
C PRO E 124 -69.90 -31.08 33.53
N SER E 125 -68.82 -30.99 34.31
CA SER E 125 -68.40 -32.06 35.19
C SER E 125 -69.32 -32.11 36.42
N ASP E 126 -69.57 -33.31 36.93
CA ASP E 126 -70.33 -33.45 38.18
C ASP E 126 -69.64 -32.66 39.30
N GLU E 127 -68.29 -32.64 39.30
CA GLU E 127 -67.56 -31.86 40.31
C GLU E 127 -67.90 -30.37 40.25
N GLN E 128 -67.97 -29.81 39.05
CA GLN E 128 -68.32 -28.41 38.92
C GLN E 128 -69.74 -28.15 39.41
N LEU E 129 -70.67 -29.03 39.03
CA LEU E 129 -72.09 -28.90 39.46
C LEU E 129 -72.31 -28.80 40.98
N LYS E 130 -71.57 -29.57 41.78
CA LYS E 130 -71.52 -29.39 43.26
C LYS E 130 -71.30 -27.97 43.75
N SER E 131 -70.43 -27.22 43.08
CA SER E 131 -70.12 -25.85 43.49
C SER E 131 -71.19 -24.87 43.06
N GLY E 132 -72.16 -25.32 42.26
CA GLY E 132 -73.29 -24.46 41.88
C GLY E 132 -73.28 -23.79 40.51
N THR E 133 -72.34 -24.17 39.63
CA THR E 133 -72.23 -23.58 38.27
C THR E 133 -72.07 -24.68 37.22
N ALA E 134 -72.56 -24.42 36.01
CA ALA E 134 -72.40 -25.34 34.87
C ALA E 134 -71.82 -24.63 33.65
N SER E 135 -70.63 -25.05 33.24
CA SER E 135 -69.97 -24.57 32.04
C SER E 135 -70.14 -25.65 31.00
N VAL E 136 -70.68 -25.32 29.83
CA VAL E 136 -70.77 -26.28 28.70
C VAL E 136 -69.82 -25.74 27.63
N VAL E 137 -68.98 -26.60 27.07
CA VAL E 137 -67.96 -26.21 26.14
C VAL E 137 -68.18 -26.85 24.77
N CYS E 138 -68.02 -26.02 23.73
CA CYS E 138 -67.98 -26.43 22.34
C CYS E 138 -66.59 -26.11 21.80
N LEU E 139 -66.02 -27.08 21.11
CA LEU E 139 -64.71 -27.00 20.59
C LEU E 139 -64.80 -27.15 19.08
N LEU E 140 -64.22 -26.18 18.35
CA LEU E 140 -64.07 -26.25 16.88
C LEU E 140 -62.60 -26.41 16.64
N ASN E 141 -62.19 -27.56 16.10
CA ASN E 141 -60.75 -27.90 16.07
C ASN E 141 -60.15 -27.82 14.63
N ASN E 142 -58.99 -27.19 14.51
CA ASN E 142 -58.22 -27.20 13.26
C ASN E 142 -59.00 -26.84 11.99
N PHE E 143 -59.52 -25.61 11.99
CA PHE E 143 -60.21 -25.03 10.87
C PHE E 143 -59.48 -23.82 10.20
N TYR E 144 -59.91 -23.47 8.98
CA TYR E 144 -59.41 -22.33 8.19
C TYR E 144 -60.48 -22.00 7.12
N PRO E 145 -60.82 -20.72 6.93
CA PRO E 145 -60.32 -19.52 7.60
C PRO E 145 -60.88 -19.35 9.00
N ARG E 146 -60.39 -18.32 9.69
CA ARG E 146 -60.71 -17.99 11.07
C ARG E 146 -62.17 -17.64 11.29
N GLU E 147 -62.86 -17.13 10.28
CA GLU E 147 -64.26 -16.71 10.50
C GLU E 147 -65.15 -17.95 10.68
N ALA E 148 -65.86 -17.99 11.81
CA ALA E 148 -66.79 -19.09 12.12
C ALA E 148 -67.86 -18.57 13.06
N LYS E 149 -69.04 -19.19 12.99
CA LYS E 149 -70.18 -18.77 13.78
C LYS E 149 -70.63 -19.98 14.64
N VAL E 150 -70.80 -19.73 15.94
CA VAL E 150 -71.16 -20.76 16.94
C VAL E 150 -72.41 -20.36 17.72
N GLN E 151 -73.49 -21.13 17.58
CA GLN E 151 -74.78 -20.88 18.27
C GLN E 151 -75.08 -21.95 19.33
N TRP E 152 -75.39 -21.51 20.55
CA TRP E 152 -75.87 -22.40 21.62
C TRP E 152 -77.40 -22.51 21.57
N LYS E 153 -77.91 -23.74 21.48
CA LYS E 153 -79.35 -24.06 21.64
C LYS E 153 -79.65 -24.90 22.91
N VAL E 154 -80.41 -24.35 23.84
CA VAL E 154 -80.80 -25.02 25.08
C VAL E 154 -82.33 -25.33 25.06
N ASP E 155 -82.68 -26.60 24.86
CA ASP E 155 -84.10 -27.05 24.61
C ASP E 155 -84.65 -26.35 23.35
N ASN E 156 -83.85 -26.36 22.29
CA ASN E 156 -84.12 -25.58 21.06
C ASN E 156 -84.15 -24.02 21.14
N ALA E 157 -84.24 -23.41 22.33
CA ALA E 157 -84.12 -21.95 22.48
C ALA E 157 -82.68 -21.45 22.34
N LEU E 158 -82.50 -20.48 21.46
CA LEU E 158 -81.20 -19.88 21.22
C LEU E 158 -80.76 -18.99 22.37
N GLN E 159 -79.45 -19.03 22.66
CA GLN E 159 -78.86 -18.33 23.79
C GLN E 159 -78.08 -17.11 23.38
N SER E 160 -77.98 -16.16 24.29
CA SER E 160 -77.30 -14.93 24.05
C SER E 160 -76.93 -14.29 25.38
N GLY E 161 -75.71 -13.75 25.45
CA GLY E 161 -75.23 -13.01 26.62
C GLY E 161 -74.61 -13.89 27.71
N ASN E 162 -74.55 -15.19 27.46
CA ASN E 162 -74.11 -16.15 28.49
C ASN E 162 -72.95 -17.08 28.02
N SER E 163 -72.32 -16.72 26.89
CA SER E 163 -71.20 -17.46 26.35
C SER E 163 -70.05 -16.54 26.05
N GLN E 164 -68.88 -17.13 25.91
CA GLN E 164 -67.65 -16.41 25.64
C GLN E 164 -66.78 -17.33 24.75
N GLU E 165 -66.16 -16.74 23.73
CA GLU E 165 -65.32 -17.46 22.80
C GLU E 165 -63.87 -17.12 23.07
N SER E 166 -63.00 -18.07 22.72
CA SER E 166 -61.58 -17.83 22.65
C SER E 166 -61.11 -18.60 21.41
N VAL E 167 -60.11 -18.07 20.71
CA VAL E 167 -59.60 -18.68 19.50
C VAL E 167 -58.12 -18.67 19.64
N THR E 168 -57.48 -19.75 19.23
CA THR E 168 -56.03 -19.83 19.30
C THR E 168 -55.39 -18.95 18.24
N GLU E 169 -54.08 -18.79 18.38
CA GLU E 169 -53.26 -18.16 17.36
C GLU E 169 -53.11 -19.19 16.25
N GLN E 170 -52.82 -18.70 15.06
CA GLN E 170 -52.72 -19.59 13.91
C GLN E 170 -51.64 -20.61 14.15
N ASP E 171 -51.88 -21.87 13.81
CA ASP E 171 -50.90 -22.89 14.07
C ASP E 171 -49.70 -22.78 13.13
N SER E 172 -48.51 -22.96 13.69
CA SER E 172 -47.29 -22.69 12.94
C SER E 172 -46.87 -23.83 11.96
N LYS E 173 -47.58 -24.94 11.97
CA LYS E 173 -47.27 -26.03 11.03
C LYS E 173 -48.34 -26.27 10.02
N ASP E 174 -49.62 -26.20 10.42
CA ASP E 174 -50.75 -26.48 9.49
C ASP E 174 -51.64 -25.30 9.23
N SER E 175 -51.32 -24.14 9.85
CA SER E 175 -52.00 -22.84 9.55
C SER E 175 -53.47 -22.72 9.86
N THR E 176 -53.91 -23.58 10.78
CA THR E 176 -55.29 -23.59 11.21
C THR E 176 -55.46 -22.87 12.54
N TYR E 177 -56.72 -22.63 12.85
CA TYR E 177 -57.21 -22.05 14.06
C TYR E 177 -58.04 -23.12 14.82
N SER E 178 -58.24 -22.90 16.12
CA SER E 178 -59.22 -23.64 16.89
C SER E 178 -59.92 -22.62 17.75
N LEU E 179 -61.14 -22.95 18.14
CA LEU E 179 -62.00 -22.03 18.86
C LEU E 179 -62.76 -22.76 19.93
N SER E 180 -62.93 -22.13 21.07
CA SER E 180 -63.75 -22.69 22.13
C SER E 180 -64.85 -21.73 22.41
N SER E 181 -66.04 -22.28 22.62
CA SER E 181 -67.19 -21.51 23.11
C SER E 181 -67.65 -22.18 24.42
N THR E 182 -67.76 -21.36 25.46
CA THR E 182 -68.09 -21.77 26.78
C THR E 182 -69.37 -21.06 27.22
N LEU E 183 -70.45 -21.83 27.34
CA LEU E 183 -71.76 -21.40 27.90
C LEU E 183 -71.80 -21.56 29.40
N THR E 184 -72.06 -20.49 30.11
CA THR E 184 -72.07 -20.50 31.57
C THR E 184 -73.48 -20.20 32.16
N LEU E 185 -74.07 -21.26 32.75
CA LEU E 185 -75.37 -21.26 33.46
C LEU E 185 -75.20 -21.58 34.96
N SER E 186 -76.10 -21.06 35.78
CA SER E 186 -76.24 -21.57 37.16
C SER E 186 -76.66 -23.06 37.09
N LYS E 187 -76.31 -23.82 38.13
CA LYS E 187 -76.79 -25.21 38.32
C LYS E 187 -78.31 -25.27 38.18
N ALA E 188 -79.01 -24.38 38.90
CA ALA E 188 -80.47 -24.28 38.81
C ALA E 188 -80.91 -24.21 37.34
N ASP E 189 -80.45 -23.18 36.63
CA ASP E 189 -80.87 -23.03 35.24
C ASP E 189 -80.45 -24.27 34.43
N TYR E 190 -79.22 -24.77 34.63
CA TYR E 190 -78.74 -25.95 33.91
C TYR E 190 -79.71 -27.13 34.09
N GLU E 191 -80.16 -27.38 35.33
CA GLU E 191 -81.00 -28.57 35.65
C GLU E 191 -82.45 -28.47 35.16
N LYS E 192 -82.96 -27.24 34.98
CA LYS E 192 -84.26 -27.01 34.34
C LYS E 192 -84.38 -27.50 32.87
N HIS E 193 -83.30 -27.83 32.16
CA HIS E 193 -83.37 -28.11 30.71
C HIS E 193 -82.65 -29.40 30.37
N LYS E 194 -82.93 -29.98 29.20
CA LYS E 194 -82.50 -31.34 28.88
C LYS E 194 -81.50 -31.46 27.74
N VAL E 195 -81.88 -30.93 26.57
CA VAL E 195 -81.04 -31.02 25.36
C VAL E 195 -80.14 -29.74 25.23
N TYR E 196 -78.81 -29.93 25.20
CA TYR E 196 -77.82 -28.86 25.07
C TYR E 196 -77.14 -29.07 23.74
N ALA E 197 -77.13 -28.02 22.90
CA ALA E 197 -76.52 -28.14 21.55
C ALA E 197 -75.67 -26.94 21.12
N CYS E 198 -74.77 -27.25 20.21
CA CYS E 198 -73.83 -26.32 19.65
C CYS E 198 -73.95 -26.37 18.12
N GLU E 199 -74.39 -25.27 17.48
CA GLU E 199 -74.56 -25.21 15.99
C GLU E 199 -73.45 -24.37 15.33
N VAL E 200 -72.72 -25.03 14.41
CA VAL E 200 -71.48 -24.49 13.84
C VAL E 200 -71.56 -24.22 12.33
N THR E 201 -71.35 -22.95 11.98
CA THR E 201 -71.31 -22.47 10.61
C THR E 201 -69.89 -22.08 10.21
N HIS E 202 -69.46 -22.58 9.07
CA HIS E 202 -68.17 -22.27 8.55
C HIS E 202 -68.14 -22.56 7.04
N GLN E 203 -67.37 -21.76 6.31
CA GLN E 203 -67.36 -21.88 4.85
C GLN E 203 -66.86 -23.24 4.32
N GLY E 204 -66.11 -23.95 5.14
CA GLY E 204 -65.73 -25.34 4.91
C GLY E 204 -66.86 -26.35 4.99
N LEU E 205 -68.00 -25.95 5.55
CA LEU E 205 -69.11 -26.86 5.83
C LEU E 205 -70.27 -26.56 4.92
N SER E 206 -70.63 -27.54 4.09
CA SER E 206 -71.74 -27.37 3.14
C SER E 206 -73.10 -27.02 3.81
N SER E 207 -73.28 -27.34 5.09
CA SER E 207 -74.44 -26.87 5.88
C SER E 207 -74.08 -26.97 7.35
N PRO E 208 -74.75 -26.20 8.23
CA PRO E 208 -74.38 -26.22 9.67
C PRO E 208 -74.20 -27.62 10.27
N VAL E 209 -73.19 -27.78 11.14
CA VAL E 209 -72.97 -29.04 11.87
C VAL E 209 -73.43 -28.77 13.29
N THR E 210 -74.22 -29.70 13.83
CA THR E 210 -74.72 -29.63 15.21
C THR E 210 -74.22 -30.81 16.03
N LYS E 211 -73.77 -30.48 17.23
CA LYS E 211 -73.40 -31.47 18.23
C LYS E 211 -74.21 -31.14 19.46
N SER E 212 -74.65 -32.19 20.14
CA SER E 212 -75.52 -32.05 21.30
C SER E 212 -75.38 -33.25 22.21
N PHE E 213 -75.99 -33.12 23.38
CA PHE E 213 -76.11 -34.21 24.35
C PHE E 213 -77.38 -33.86 25.15
N ASN E 214 -77.98 -34.88 25.78
CA ASN E 214 -79.09 -34.66 26.74
C ASN E 214 -78.56 -34.88 28.15
N ARG E 215 -78.83 -33.95 29.05
CA ARG E 215 -78.41 -34.01 30.46
C ARG E 215 -78.82 -35.38 31.01
N GLY E 216 -77.87 -36.21 31.51
CA GLY E 216 -78.16 -37.61 31.98
C GLY E 216 -77.42 -38.73 31.27
N GLU F 13 18.78 -12.40 0.74
CA GLU F 13 19.04 -11.75 -0.58
C GLU F 13 18.85 -10.25 -0.46
N VAL F 14 19.53 -9.50 -1.33
CA VAL F 14 19.76 -8.07 -1.13
C VAL F 14 19.09 -7.26 -2.23
N VAL F 15 18.34 -6.22 -1.87
CA VAL F 15 17.65 -5.41 -2.87
C VAL F 15 18.65 -4.42 -3.49
N LYS F 16 18.75 -4.50 -4.81
CA LYS F 16 19.66 -3.67 -5.57
C LYS F 16 19.24 -2.21 -5.52
N PHE F 17 20.22 -1.32 -5.53
CA PHE F 17 20.00 0.09 -5.34
C PHE F 17 19.05 0.65 -6.39
N MET F 18 19.16 0.25 -7.64
CA MET F 18 18.31 0.88 -8.66
C MET F 18 16.84 0.40 -8.54
N ASP F 19 16.64 -0.82 -8.06
CA ASP F 19 15.29 -1.31 -7.74
C ASP F 19 14.72 -0.52 -6.57
N VAL F 20 15.46 -0.37 -5.46
CA VAL F 20 14.97 0.43 -4.32
C VAL F 20 14.62 1.84 -4.72
N TYR F 21 15.54 2.50 -5.43
CA TYR F 21 15.31 3.85 -5.87
C TYR F 21 14.01 3.94 -6.62
N GLN F 22 13.84 3.03 -7.56
CA GLN F 22 12.72 3.08 -8.51
C GLN F 22 11.36 2.81 -7.82
N ARG F 23 11.33 1.83 -6.91
CA ARG F 23 10.12 1.45 -6.17
C ARG F 23 9.73 2.53 -5.18
N SER F 24 10.70 3.30 -4.69
CA SER F 24 10.48 4.31 -3.67
C SER F 24 10.27 5.76 -4.19
N TYR F 25 10.46 6.00 -5.49
CA TYR F 25 10.32 7.37 -6.02
C TYR F 25 8.85 7.74 -6.08
N CYS F 26 8.53 8.93 -5.57
CA CYS F 26 7.22 9.60 -5.73
C CYS F 26 6.26 9.05 -6.78
N HIS F 27 5.18 8.44 -6.30
CA HIS F 27 4.11 7.85 -7.14
C HIS F 27 2.81 7.63 -6.33
N PRO F 28 1.66 7.42 -7.01
CA PRO F 28 0.43 6.99 -6.33
C PRO F 28 0.54 5.58 -5.74
N ILE F 29 0.34 5.48 -4.43
CA ILE F 29 0.32 4.19 -3.74
C ILE F 29 -0.98 4.01 -2.88
N GLU F 30 -1.45 2.76 -2.75
CA GLU F 30 -2.54 2.45 -1.78
C GLU F 30 -2.10 2.73 -0.35
N THR F 31 -2.75 3.72 0.25
CA THR F 31 -2.44 4.21 1.56
C THR F 31 -3.71 4.11 2.42
N LEU F 32 -3.56 3.70 3.69
CA LEU F 32 -4.69 3.63 4.62
C LEU F 32 -4.74 4.92 5.40
N VAL F 33 -5.80 5.67 5.21
CA VAL F 33 -5.90 7.01 5.73
C VAL F 33 -6.98 7.05 6.77
N ASP F 34 -6.62 7.55 7.95
CA ASP F 34 -7.58 7.78 8.99
C ASP F 34 -8.64 8.79 8.50
N ILE F 35 -9.91 8.43 8.68
CA ILE F 35 -11.03 9.25 8.23
C ILE F 35 -11.09 10.58 8.99
N PHE F 36 -10.85 10.54 10.28
CA PHE F 36 -10.91 11.76 11.08
C PHE F 36 -9.92 12.83 10.53
N GLN F 37 -8.81 12.40 9.94
CA GLN F 37 -7.89 13.35 9.30
C GLN F 37 -8.39 13.93 7.99
N GLU F 38 -9.13 13.15 7.19
CA GLU F 38 -9.84 13.70 6.02
C GLU F 38 -11.05 14.58 6.39
N TYR F 39 -11.61 14.41 7.58
CA TYR F 39 -12.71 15.25 8.05
C TYR F 39 -12.34 15.74 9.45
N PRO F 40 -11.34 16.63 9.54
CA PRO F 40 -10.83 17.07 10.85
C PRO F 40 -11.84 17.76 11.72
N ASP F 41 -12.84 18.42 11.10
CA ASP F 41 -13.86 19.20 11.84
C ASP F 41 -15.01 18.36 12.41
N GLU F 42 -15.12 17.10 12.02
CA GLU F 42 -16.15 16.22 12.58
C GLU F 42 -16.09 16.10 14.10
N ILE F 43 -17.16 16.54 14.79
CA ILE F 43 -17.34 16.43 16.27
C ILE F 43 -18.54 15.56 16.73
N GLU F 44 -19.33 15.01 15.78
CA GLU F 44 -20.50 14.21 16.12
C GLU F 44 -20.19 12.69 16.21
N TYR F 45 -19.49 12.19 15.19
CA TYR F 45 -19.35 10.77 14.93
C TYR F 45 -17.96 10.21 15.05
N ILE F 46 -17.91 8.93 15.37
CA ILE F 46 -16.76 8.12 15.11
C ILE F 46 -17.10 7.19 13.94
N PHE F 47 -16.07 6.67 13.29
CA PHE F 47 -16.23 5.98 12.05
C PHE F 47 -15.78 4.54 12.15
N LYS F 48 -16.46 3.66 11.44
CA LYS F 48 -16.08 2.24 11.41
C LYS F 48 -16.24 1.86 9.96
N PRO F 49 -15.18 1.39 9.31
CA PRO F 49 -13.78 1.38 9.77
C PRO F 49 -13.27 2.81 10.04
N SER F 50 -12.24 2.97 10.86
CA SER F 50 -11.74 4.30 11.20
C SER F 50 -10.81 4.86 10.11
N CYS F 51 -10.51 4.04 9.08
CA CYS F 51 -9.61 4.39 8.03
C CYS F 51 -10.01 3.73 6.71
N VAL F 52 -9.59 4.34 5.61
CA VAL F 52 -9.98 3.86 4.30
C VAL F 52 -8.75 3.75 3.39
N PRO F 53 -8.77 2.77 2.47
CA PRO F 53 -7.75 2.63 1.46
C PRO F 53 -7.96 3.59 0.27
N LEU F 54 -7.06 4.54 0.18
CA LEU F 54 -7.05 5.55 -0.86
C LEU F 54 -5.74 5.48 -1.68
N MET F 55 -5.84 5.69 -3.00
CA MET F 55 -4.64 5.92 -3.82
C MET F 55 -4.10 7.29 -3.48
N ARG F 56 -2.89 7.35 -2.92
CA ARG F 56 -2.29 8.65 -2.54
C ARG F 56 -0.77 8.74 -2.86
N CYS F 57 -0.29 9.98 -2.84
CA CYS F 57 1.04 10.32 -3.25
C CYS F 57 1.88 9.89 -2.11
N GLY F 58 2.87 9.05 -2.41
CA GLY F 58 3.90 8.70 -1.45
C GLY F 58 5.26 8.51 -2.11
N GLY F 59 6.26 8.34 -1.26
CA GLY F 59 7.61 8.18 -1.72
C GLY F 59 8.37 9.46 -1.61
N CYS F 60 9.60 9.42 -2.09
CA CYS F 60 10.58 10.46 -1.78
C CYS F 60 11.09 11.08 -3.07
N CYS F 61 11.70 12.25 -2.91
CA CYS F 61 12.25 13.00 -4.05
C CYS F 61 13.75 13.13 -4.28
N ASN F 62 14.60 12.69 -3.33
CA ASN F 62 16.09 12.77 -3.46
C ASN F 62 16.64 14.22 -3.33
N ASP F 63 15.82 15.11 -2.75
CA ASP F 63 15.82 16.52 -3.03
C ASP F 63 15.09 17.18 -1.88
N GLU F 64 15.82 17.74 -0.93
CA GLU F 64 15.24 18.42 0.24
C GLU F 64 14.54 19.75 -0.13
N GLY F 65 14.55 20.18 -1.40
CA GLY F 65 13.72 21.30 -1.90
C GLY F 65 12.46 20.89 -2.68
N LEU F 66 12.28 19.60 -2.89
CA LEU F 66 11.13 19.08 -3.62
C LEU F 66 10.23 18.27 -2.67
N GLU F 67 8.93 18.19 -3.01
CA GLU F 67 7.96 17.35 -2.32
C GLU F 67 7.01 16.68 -3.29
N CYS F 68 6.57 15.48 -2.91
CA CYS F 68 5.73 14.64 -3.75
C CYS F 68 4.29 15.08 -3.59
N VAL F 69 3.70 15.60 -4.67
CA VAL F 69 2.35 16.20 -4.63
C VAL F 69 1.48 15.79 -5.84
N PRO F 70 0.17 15.88 -5.66
CA PRO F 70 -0.70 15.42 -6.74
C PRO F 70 -0.87 16.47 -7.83
N THR F 71 -0.88 15.99 -9.06
CA THR F 71 -1.19 16.81 -10.21
C THR F 71 -2.59 16.53 -10.73
N GLU F 72 -3.09 15.33 -10.52
CA GLU F 72 -4.40 14.90 -11.03
C GLU F 72 -5.16 14.14 -9.92
N GLU F 73 -6.31 14.69 -9.51
CA GLU F 73 -7.12 14.15 -8.42
C GLU F 73 -8.47 13.63 -8.92
N SER F 74 -9.07 12.71 -8.16
CA SER F 74 -10.47 12.27 -8.37
C SER F 74 -11.17 12.02 -7.02
N ASN F 75 -12.51 11.91 -7.04
CA ASN F 75 -13.29 11.48 -5.88
C ASN F 75 -13.63 10.00 -5.97
N ILE F 76 -13.76 9.38 -4.80
CA ILE F 76 -14.34 8.03 -4.66
C ILE F 76 -15.35 8.12 -3.47
N THR F 77 -16.48 7.42 -3.61
CA THR F 77 -17.52 7.42 -2.59
C THR F 77 -17.58 6.05 -1.93
N MET F 78 -17.54 6.05 -0.61
CA MET F 78 -17.60 4.81 0.16
C MET F 78 -18.73 4.87 1.18
N GLN F 79 -19.24 3.70 1.52
CA GLN F 79 -20.12 3.54 2.65
C GLN F 79 -19.37 3.30 3.95
N ILE F 80 -19.60 4.20 4.90
CA ILE F 80 -18.91 4.19 6.15
C ILE F 80 -19.95 4.13 7.24
N MET F 81 -19.71 3.27 8.22
CA MET F 81 -20.50 3.30 9.42
C MET F 81 -20.14 4.54 10.24
N ARG F 82 -21.16 5.31 10.58
CA ARG F 82 -21.05 6.45 11.45
C ARG F 82 -21.80 6.16 12.75
N ILE F 83 -21.09 6.16 13.87
CA ILE F 83 -21.64 5.95 15.18
C ILE F 83 -21.55 7.23 15.98
N LYS F 84 -22.68 7.70 16.50
CA LYS F 84 -22.71 8.74 17.49
C LYS F 84 -22.77 7.96 18.81
N PRO F 85 -21.66 7.91 19.56
CA PRO F 85 -21.55 7.03 20.75
C PRO F 85 -22.65 7.21 21.73
N HIS F 86 -23.19 6.08 22.20
CA HIS F 86 -24.36 6.07 23.09
C HIS F 86 -25.69 6.66 22.55
N GLN F 87 -25.79 6.86 21.23
CA GLN F 87 -27.00 7.42 20.57
C GLN F 87 -27.50 6.54 19.43
N GLY F 88 -26.62 6.19 18.50
CA GLY F 88 -27.00 5.29 17.45
C GLY F 88 -25.98 5.15 16.39
N GLN F 89 -26.30 4.34 15.41
CA GLN F 89 -25.47 4.17 14.29
C GLN F 89 -26.27 4.15 13.00
N HIS F 90 -25.61 4.54 11.91
CA HIS F 90 -26.10 4.29 10.58
C HIS F 90 -24.94 4.11 9.62
N ILE F 91 -25.25 3.94 8.35
CA ILE F 91 -24.26 3.92 7.30
C ILE F 91 -24.49 5.10 6.38
N GLY F 92 -23.43 5.84 6.12
CA GLY F 92 -23.48 7.05 5.26
C GLY F 92 -22.54 6.95 4.06
N GLU F 93 -22.91 7.56 2.95
CA GLU F 93 -22.03 7.62 1.78
C GLU F 93 -21.07 8.76 2.05
N MET F 94 -19.78 8.46 2.01
CA MET F 94 -18.75 9.49 2.21
C MET F 94 -17.79 9.59 1.03
N SER F 95 -17.40 10.83 0.76
CA SER F 95 -16.53 11.14 -0.35
C SER F 95 -15.09 11.35 0.14
N PHE F 96 -14.14 10.77 -0.58
CA PHE F 96 -12.71 10.98 -0.31
C PHE F 96 -11.90 11.43 -1.53
N LEU F 97 -10.78 12.10 -1.25
CA LEU F 97 -9.84 12.43 -2.32
C LEU F 97 -8.89 11.29 -2.66
N GLN F 98 -8.70 11.08 -3.96
CA GLN F 98 -7.70 10.13 -4.47
C GLN F 98 -6.67 10.82 -5.45
N HIS F 99 -5.45 10.32 -5.49
CA HIS F 99 -4.43 10.88 -6.35
C HIS F 99 -4.18 9.92 -7.51
N ASN F 100 -4.48 10.36 -8.74
CA ASN F 100 -4.22 9.57 -9.98
C ASN F 100 -2.80 9.73 -10.55
N LYS F 101 -2.22 10.92 -10.41
CA LYS F 101 -0.84 11.23 -10.85
C LYS F 101 -0.11 12.13 -9.84
N CYS F 102 1.13 11.76 -9.58
CA CYS F 102 1.99 12.45 -8.64
C CYS F 102 3.22 12.91 -9.39
N GLU F 103 3.71 14.11 -9.07
CA GLU F 103 4.99 14.60 -9.56
C GLU F 103 5.73 15.28 -8.42
N CYS F 104 7.06 15.36 -8.55
CA CYS F 104 7.86 16.08 -7.61
C CYS F 104 8.05 17.55 -8.00
N ARG F 105 7.76 18.45 -7.07
CA ARG F 105 7.55 19.88 -7.37
C ARG F 105 8.23 20.71 -6.28
N PRO F 106 8.68 21.92 -6.62
CA PRO F 106 9.20 22.87 -5.61
C PRO F 106 8.21 23.16 -4.46
N LYS F 107 8.72 23.45 -3.25
CA LYS F 107 7.88 23.64 -2.04
C LYS F 107 7.08 24.96 -1.91
#